data_1R4D
#
_entry.id   1R4D
#
_cell.length_a   1.000
_cell.length_b   1.000
_cell.length_c   1.000
_cell.angle_alpha   90.00
_cell.angle_beta   90.00
_cell.angle_gamma   90.00
#
_symmetry.space_group_name_H-M   'P 1'
#
_entity_poly.entity_id   1
_entity_poly.type   'polydeoxyribonucleotide'
_entity_poly.pdbx_seq_one_letter_code
;(DC)(8MG)(DC)(DG)(0DC)(0DG)(DC)(DG)(DC)(DG)
;
_entity_poly.pdbx_strand_id   A,B
#
loop_
_chem_comp.id
_chem_comp.type
_chem_comp.name
_chem_comp.formula
0DC L-DNA linking '2'-DEOXY-L-RIBO-FURANOSYL CYTOSINE-5'-MONOPHOSPHATE' 'C9 H14 N3 O7 P'
0DG L-DNA linking '2'-DEOXY-L-RIBO-FURANOSYL GUANINE-5'-MONOPHOSPHATE' 'C10 H14 N5 O7 P'
8MG DNA linking 8-METHYL-2'-DEOXYGUANOSINE-5'-MONOPHOSPHATE 'C11 H16 N5 O7 P'
DC DNA linking 2'-DEOXYCYTIDINE-5'-MONOPHOSPHATE 'C9 H14 N3 O7 P'
DG DNA linking 2'-DEOXYGUANOSINE-5'-MONOPHOSPHATE 'C10 H14 N5 O7 P'
#
# COMPACT_ATOMS: atom_id res chain seq x y z
P 8MG A 2 -9.66 -11.97 4.22
OP2 8MG A 2 -9.73 -11.22 2.94
O5' 8MG A 2 -10.23 -11.05 5.39
N9 8MG A 2 -6.66 -8.83 6.73
C4 8MG A 2 -5.71 -9.48 5.97
N3 8MG A 2 -5.72 -9.60 4.62
C2 8MG A 2 -4.67 -10.27 4.18
N2 8MG A 2 -4.52 -10.49 2.88
N1 8MG A 2 -3.69 -10.79 5.00
C6 8MG A 2 -3.67 -10.69 6.39
O6 8MG A 2 -2.75 -11.20 7.03
C5 8MG A 2 -4.79 -9.96 6.88
N7 8MG A 2 -5.14 -9.62 8.17
C8 8MG A 2 -6.26 -8.96 8.03
C2' 8MG A 2 -7.78 -7.68 4.80
C5' 8MG A 2 -10.86 -9.80 5.11
C4' 8MG A 2 -9.90 -8.65 5.35
O4' 8MG A 2 -8.95 -9.01 6.37
C1' 8MG A 2 -7.85 -8.13 6.25
C3' 8MG A 2 -9.04 -8.25 4.16
O3' 8MG A 2 -9.71 -7.28 3.37
C 8MG A 2 -7.07 -8.73 9.08
OP1 8MG A 2 -10.31 -13.30 4.32
H21 8MG A 2 -5.20 -10.13 2.22
H22 8MG A 2 -3.72 -11.01 2.54
H1 8MG A 2 -2.93 -11.30 4.57
H2' 8MG A 2 -6.88 -8.02 4.30
H2'' 8MG A 2 -7.79 -6.59 4.76
H5' 8MG A 2 -11.73 -9.67 5.75
H5'' 8MG A 2 -11.18 -9.77 4.06
H4' 8MG A 2 -10.50 -7.77 5.61
H1' 8MG A 2 -8.03 -7.27 6.92
H3' 8MG A 2 -8.81 -9.12 3.53
HC1 8MG A 2 -8.04 -9.17 8.87
HC2 8MG A 2 -7.17 -7.66 9.23
HC3 8MG A 2 -6.64 -9.18 9.97
P 0DC A 5 -2.46 -6.05 -7.20
OP1 0DC A 5 -2.36 -6.56 -8.59
OP2 0DC A 5 -1.67 -6.70 -6.13
O5' 0DC A 5 -2.10 -4.50 -7.21
C5' 0DC A 5 -0.87 -4.02 -7.78
C4' 0DC A 5 0.30 -4.47 -6.93
O4' 0DC A 5 -0.09 -4.45 -5.53
C3' 0DC A 5 1.53 -3.58 -7.03
O3' 0DC A 5 2.71 -4.36 -6.82
C2' 0DC A 5 1.32 -2.58 -5.90
C1' 0DC A 5 0.61 -3.42 -4.85
N1 0DC A 5 -0.36 -2.68 -4.03
C2 0DC A 5 -0.13 -2.51 -2.67
O2 0DC A 5 0.91 -2.99 -2.17
N3 0DC A 5 -1.03 -1.83 -1.92
C4 0DC A 5 -2.12 -1.33 -2.49
N4 0DC A 5 -2.99 -0.67 -1.72
C5 0DC A 5 -2.39 -1.48 -3.88
C6 0DC A 5 -1.49 -2.16 -4.61
H5' 0DC A 5 -0.89 -2.94 -7.83
H5'' 0DC A 5 -0.76 -4.42 -8.79
H4' 0DC A 5 0.60 -5.46 -7.28
H3' 0DC A 5 1.59 -3.09 -8.00
H2' 0DC A 5 2.27 -2.19 -5.53
H2'' 0DC A 5 0.71 -1.73 -6.23
H1' 0DC A 5 1.34 -3.89 -4.17
H41 0DC A 5 -3.83 -0.28 -2.10
H42 0DC A 5 -2.79 -0.58 -0.73
H5 0DC A 5 -3.29 -1.07 -4.34
H6 0DC A 5 -1.66 -2.30 -5.69
P 0DG A 6 3.95 -4.27 -7.85
OP1 0DG A 6 3.51 -3.51 -9.05
OP2 0DG A 6 4.50 -5.64 -8.02
O5' 0DG A 6 5.03 -3.39 -7.08
C5' 0DG A 6 4.64 -2.53 -6.01
C4' 0DG A 6 5.85 -2.09 -5.22
O4' 0DG A 6 5.38 -1.60 -3.94
C3' 0DG A 6 6.62 -0.91 -5.82
O3' 0DG A 6 7.94 -0.87 -5.28
C2' 0DG A 6 5.79 0.27 -5.35
C1' 0DG A 6 5.26 -0.18 -3.99
N9 0DG A 6 3.87 0.15 -3.74
C8 0DG A 6 2.84 0.15 -4.64
N7 0DG A 6 1.69 0.50 -4.13
C5 0DG A 6 1.98 0.75 -2.80
C6 0DG A 6 1.15 1.18 -1.74
O6 0DG A 6 -0.06 1.42 -1.76
N1 0DG A 6 1.86 1.31 -0.55
C2 0DG A 6 3.19 1.07 -0.39
N2 0DG A 6 3.70 1.24 0.83
N3 0DG A 6 3.99 0.68 -1.38
C4 0DG A 6 3.32 0.55 -2.54
H5' 0DG A 6 3.95 -3.06 -5.34
H5'' 0DG A 6 4.14 -1.66 -6.42
H4' 0DG A 6 6.54 -2.92 -5.15
H3' 0DG A 6 6.66 -0.98 -6.90
H2' 0DG A 6 6.40 1.18 -5.26
H2'' 0DG A 6 4.99 0.50 -6.05
H1' 0DG A 6 5.87 0.23 -3.18
H8 0DG A 6 2.95 -0.13 -5.68
H1 0DG A 6 1.33 1.61 0.27
H21 0DG A 6 3.09 1.54 1.58
H22 0DG A 6 4.68 1.09 1.00
P 8MG B 2 3.57 14.93 -6.42
OP2 8MG B 2 2.88 15.67 -5.33
O5' 8MG B 2 2.55 13.86 -7.03
N9 8MG B 2 3.35 9.76 -6.87
C4 8MG B 2 4.22 9.82 -5.80
N3 8MG B 2 3.91 10.25 -4.56
C2 8MG B 2 4.95 10.19 -3.75
N2 8MG B 2 4.82 10.58 -2.47
N1 8MG B 2 6.19 9.75 -4.13
C6 8MG B 2 6.53 9.31 -5.39
O6 8MG B 2 7.68 8.93 -5.62
C5 8MG B 2 5.42 9.36 -6.28
N7 8MG B 2 5.32 9.02 -7.61
C8 8MG B 2 4.08 9.27 -7.93
C2' 8MG B 2 1.23 10.03 -5.54
C5' 8MG B 2 1.27 13.65 -6.44
C4' 8MG B 2 0.89 12.19 -6.52
O4' 8MG B 2 1.86 11.48 -7.31
C1' 8MG B 2 1.94 10.14 -6.89
C3' 8MG B 2 0.86 11.45 -5.18
O3' 8MG B 2 -0.46 11.51 -4.63
C 8MG B 2 3.69 9.37 -9.20
OP1 8MG B 2 4.16 15.69 -7.55
H21 8MG B 2 3.93 10.92 -2.14
H22 8MG B 2 5.61 10.54 -1.85
H1 8MG B 2 6.92 9.75 -3.42
H2' 8MG B 2 1.87 9.58 -4.78
H2'' 8MG B 2 0.35 9.40 -5.66
H5' 8MG B 2 0.51 14.24 -6.98
H5'' 8MG B 2 1.28 13.96 -5.39
H4' 8MG B 2 -0.12 12.13 -6.93
H1' 8MG B 2 1.44 9.52 -7.64
H3' 8MG B 2 1.56 11.90 -4.48
HC1 8MG B 2 4.53 9.15 -9.86
HC2 8MG B 2 3.34 10.38 -9.40
HC3 8MG B 2 2.88 8.66 -9.39
P 0DC B 5 -0.38 7.47 6.51
OP1 0DC B 5 -0.63 8.78 7.17
OP2 0DC B 5 0.93 7.21 5.87
O5' 0DC B 5 -0.65 6.32 7.59
C5' 0DC B 5 -1.02 5.00 7.18
C4' 0DC B 5 0.19 4.27 6.63
O4' 0DC B 5 0.09 4.23 5.19
C3' 0DC B 5 0.32 2.80 7.09
O3' 0DC B 5 1.65 2.56 7.55
C2' 0DC B 5 0.02 1.99 5.84
C1' 0DC B 5 0.40 2.94 4.73
N1 0DC B 5 -0.33 2.72 3.46
C2 0DC B 5 0.39 2.31 2.33
O2 0DC B 5 1.61 2.15 2.42
N3 0DC B 5 -0.27 2.12 1.17
C4 0DC B 5 -1.58 2.31 1.11
N4 0DC B 5 -2.20 2.09 -0.05
C5 0DC B 5 -2.34 2.72 2.25
C6 0DC B 5 -1.68 2.91 3.39
H5' 0DC B 5 -1.78 5.05 6.41
H5'' 0DC B 5 -1.41 4.46 8.04
H4' 0DC B 5 1.07 4.78 6.99
H3' 0DC B 5 -0.39 2.58 7.90
H2' 0DC B 5 0.61 1.08 5.81
H2'' 0DC B 5 -1.03 1.71 5.80
H1' 0DC B 5 1.47 2.90 4.52
H41 0DC B 5 -3.19 2.23 -0.14
H42 0DC B 5 -1.65 1.80 -0.85
H5 0DC B 5 -3.42 2.88 2.19
H6 0DC B 5 -2.22 3.24 4.28
P 0DG B 6 1.92 2.22 9.09
OP1 0DG B 6 0.66 2.42 9.87
OP2 0DG B 6 3.15 2.94 9.49
O5' 0DG B 6 2.25 0.66 9.09
C5' 0DG B 6 1.51 -0.26 8.29
C4' 0DG B 6 2.46 -1.16 7.53
O4' 0DG B 6 2.27 -0.96 6.12
C3' 0DG B 6 2.23 -2.66 7.77
O3' 0DG B 6 3.45 -3.38 7.63
C2' 0DG B 6 1.27 -3.03 6.66
C1' 0DG B 6 1.73 -2.13 5.52
N9 0DG B 6 0.66 -1.71 4.61
C8 0DG B 6 -0.51 -1.06 4.94
N7 0DG B 6 -1.26 -0.81 3.91
C5 0DG B 6 -0.55 -1.32 2.83
C6 0DG B 6 -0.87 -1.34 1.45
O6 0DG B 6 -1.87 -0.90 0.88
N1 0DG B 6 0.13 -1.97 0.70
C2 0DG B 6 1.28 -2.49 1.22
N2 0DG B 6 2.12 -3.05 0.35
N3 0DG B 6 1.59 -2.48 2.51
C4 0DG B 6 0.63 -1.89 3.25
H5' 0DG B 6 0.90 0.30 7.57
H5'' 0DG B 6 0.86 -0.86 8.91
H4' 0DG B 6 3.47 -0.95 7.87
H3' 0DG B 6 1.80 -2.84 8.75
H2' 0DG B 6 1.35 -4.08 6.39
H2'' 0DG B 6 0.23 -2.83 6.94
H1' 0DG B 6 2.52 -2.60 4.93
H8 0DG B 6 -0.77 -0.80 5.95
H1 0DG B 6 -0.01 -2.03 -0.30
H21 0DG B 6 2.99 -3.45 0.66
H22 0DG B 6 1.90 -3.06 -0.64
P 8MG A 2 -10.65 -12.34 4.66
OP2 8MG A 2 -11.26 -12.92 3.44
O5' 8MG A 2 -10.93 -10.77 4.65
N9 8MG A 2 -7.39 -8.31 5.62
C4 8MG A 2 -6.40 -9.06 5.03
N3 8MG A 2 -6.33 -9.38 3.72
C2 8MG A 2 -5.27 -10.12 3.46
N2 8MG A 2 -5.04 -10.53 2.20
N1 8MG A 2 -4.34 -10.51 4.39
C6 8MG A 2 -4.40 -10.19 5.75
O6 8MG A 2 -3.52 -10.59 6.51
C5 8MG A 2 -5.54 -9.40 6.05
N7 8MG A 2 -5.97 -8.87 7.26
C8 8MG A 2 -7.07 -8.23 6.95
C2' 8MG A 2 -8.31 -7.29 3.52
C5' 8MG A 2 -10.86 -10.01 3.44
C4' 8MG A 2 -10.27 -8.64 3.72
O4' 8MG A 2 -9.59 -8.65 4.99
C1' 8MG A 2 -8.54 -7.70 4.97
C3' 8MG A 2 -9.23 -8.19 2.70
O3' 8MG A 2 -9.85 -7.45 1.65
C 8MG A 2 -7.95 -7.88 7.90
OP1 8MG A 2 -11.04 -12.87 5.99
H21 8MG A 2 -5.69 -10.28 1.47
H22 8MG A 2 -4.23 -11.09 1.99
H1 8MG A 2 -3.56 -11.07 4.08
H2' 8MG A 2 -7.27 -7.43 3.22
H2'' 8MG A 2 -8.55 -6.25 3.38
H5' 8MG A 2 -11.86 -9.90 3.03
H5'' 8MG A 2 -10.24 -10.53 2.73
H4' 8MG A 2 -11.10 -7.92 3.67
H1' 8MG A 2 -8.86 -6.83 5.56
H3' 8MG A 2 -8.70 -9.04 2.28
HC1 8MG A 2 -7.57 -8.20 8.88
HC2 8MG A 2 -8.90 -8.36 7.71
HC3 8MG A 2 -8.08 -6.80 7.90
P 0DC A 5 -2.78 -3.60 -7.83
OP1 0DC A 5 -3.25 -2.23 -7.57
OP2 0DC A 5 -2.65 -4.07 -9.23
O5' 0DC A 5 -1.38 -3.81 -7.11
C5' 0DC A 5 -0.72 -5.07 -7.11
C4' 0DC A 5 0.46 -5.05 -6.16
O4' 0DC A 5 -0.02 -4.69 -4.84
C3' 0DC A 5 1.54 -4.03 -6.52
O3' 0DC A 5 2.84 -4.60 -6.31
C2' 0DC A 5 1.30 -2.89 -5.53
C1' 0DC A 5 0.72 -3.60 -4.33
N1 0DC A 5 -0.18 -2.78 -3.50
C2 0DC A 5 0.13 -2.60 -2.16
O2 0DC A 5 1.15 -3.12 -1.70
N3 0DC A 5 -0.69 -1.86 -1.39
C4 0DC A 5 -1.78 -1.30 -1.92
N4 0DC A 5 -2.55 -0.56 -1.12
C5 0DC A 5 -2.12 -1.47 -3.29
C6 0DC A 5 -1.30 -2.22 -4.04
H5' 0DC A 5 -0.37 -5.30 -8.11
H5'' 0DC A 5 -1.42 -5.85 -6.79
H4' 0DC A 5 0.93 -6.03 -6.20
H3' 0DC A 5 1.44 -3.69 -7.54
H2' 0DC A 5 2.22 -2.37 -5.28
H2'' 0DC A 5 0.61 -2.15 -5.94
H1' 0DC A 5 1.51 -4.00 -3.70
H41 0DC A 5 -3.39 -0.13 -1.48
H42 0DC A 5 -2.30 -0.46 -0.14
H5 0DC A 5 -3.02 -1.01 -3.71
H6 0DC A 5 -1.55 -2.39 -5.09
P 0DG A 6 3.77 -4.93 -7.57
OP1 0DG A 6 3.00 -4.69 -8.82
OP2 0DG A 6 4.40 -6.26 -7.34
O5' 0DG A 6 4.93 -3.82 -7.51
C5' 0DG A 6 4.67 -2.51 -7.03
C4' 0DG A 6 5.76 -2.07 -6.09
O4' 0DG A 6 5.18 -1.82 -4.78
C3' 0DG A 6 6.45 -0.77 -6.46
O3' 0DG A 6 7.78 -0.74 -5.94
C2' 0DG A 6 5.59 0.28 -5.80
C1' 0DG A 6 5.12 -0.42 -4.52
N9 0DG A 6 3.77 -0.09 -4.12
C8 0DG A 6 2.66 -0.03 -4.93
N7 0DG A 6 1.58 0.31 -4.29
C5 0DG A 6 1.99 0.48 -2.97
C6 0DG A 6 1.26 0.84 -1.81
O6 0DG A 6 0.06 1.11 -1.71
N1 0DG A 6 2.08 0.90 -0.69
C2 0DG A 6 3.42 0.63 -0.68
N2 0DG A 6 4.04 0.72 0.51
N3 0DG A 6 4.12 0.29 -1.75
C4 0DG A 6 3.35 0.23 -2.86
H5' 0DG A 6 3.71 -2.49 -6.50
H5'' 0DG A 6 4.62 -1.82 -7.87
H4' 0DG A 6 6.53 -2.85 -6.07
H3' 0DG A 6 6.47 -0.65 -7.54
H2' 0DG A 6 6.15 1.18 -5.58
H2'' 0DG A 6 4.75 0.57 -6.43
H1' 0DG A 6 5.80 -0.21 -3.70
H8 0DG A 6 2.69 -0.25 -5.99
H1 0DG A 6 1.65 1.16 0.19
H21 0DG A 6 3.51 0.97 1.33
H22 0DG A 6 5.03 0.53 0.57
P 8MG B 2 2.67 14.96 -6.49
OP2 8MG B 2 2.12 15.89 -5.48
O5' 8MG B 2 1.53 13.92 -6.89
N9 8MG B 2 2.86 9.72 -6.62
C4 8MG B 2 3.78 9.80 -5.60
N3 8MG B 2 3.53 10.19 -4.33
C2 8MG B 2 4.61 10.15 -3.58
N2 8MG B 2 4.55 10.51 -2.29
N1 8MG B 2 5.84 9.76 -4.03
C6 8MG B 2 6.14 9.35 -5.33
O6 8MG B 2 7.28 9.00 -5.63
C5 8MG B 2 4.98 9.38 -6.15
N7 8MG B 2 4.81 9.06 -7.49
C8 8MG B 2 3.55 9.28 -7.72
C2' 8MG B 2 0.81 9.85 -5.17
C5' 8MG B 2 0.56 13.50 -5.93
C4' 8MG B 2 0.30 12.02 -6.05
O4' 8MG B 2 1.29 11.42 -6.90
C1' 8MG B 2 1.45 10.05 -6.55
C3' 8MG B 2 0.37 11.24 -4.75
O3' 8MG B 2 -0.92 11.19 -4.12
C 8MG B 2 3.08 9.38 -8.98
OP1 8MG B 2 3.24 15.51 -7.76
H21 8MG B 2 3.67 10.81 -1.91
H22 8MG B 2 5.37 10.48 -1.71
H1 8MG B 2 6.62 9.76 -3.37
H2' 8MG B 2 1.51 9.41 -4.46
H2'' 8MG B 2 -0.04 9.17 -5.27
H5' 8MG B 2 -0.38 14.04 -6.09
H5'' 8MG B 2 0.92 13.71 -4.92
H4' 8MG B 2 -0.72 11.90 -6.43
H1' 8MG B 2 0.92 9.45 -7.30
H3' 8MG B 2 1.08 11.69 -4.05
HC1 8MG B 2 3.90 9.26 -9.67
HC2 8MG B 2 2.62 10.36 -9.11
HC3 8MG B 2 2.34 8.59 -9.15
P 0DC B 5 -0.27 6.57 6.38
OP1 0DC B 5 -0.48 7.05 7.77
OP2 0DC B 5 1.11 6.49 5.83
O5' 0DC B 5 -0.98 5.16 6.22
C5' 0DC B 5 -0.61 4.06 7.07
C4' 0DC B 5 0.84 3.71 6.88
O4' 0DC B 5 1.16 3.78 5.46
C3' 0DC B 5 1.22 2.30 7.32
O3' 0DC B 5 2.58 2.26 7.77
C2' 0DC B 5 1.06 1.48 6.04
C1' 0DC B 5 1.38 2.47 4.94
N1 0DC B 5 0.56 2.33 3.73
C2 0DC B 5 1.14 1.81 2.56
O2 0DC B 5 2.34 1.50 2.58
N3 0DC B 5 0.38 1.68 1.46
C4 0DC B 5 -0.92 2.02 1.48
N4 0DC B 5 -1.62 1.86 0.36
C5 0DC B 5 -1.53 2.54 2.65
C6 0DC B 5 -0.76 2.69 3.73
H5' 0DC B 5 -1.23 3.20 6.83
H5'' 0DC B 5 -0.78 4.34 8.11
H4' 0DC B 5 1.43 4.39 7.48
H3' 0DC B 5 0.56 1.94 8.11
H2' 0DC B 5 1.75 0.64 6.02
H2'' 0DC B 5 0.05 1.09 5.95
H1' 0DC B 5 2.43 2.41 4.65
H41 0DC B 5 -2.60 2.11 0.34
H42 0DC B 5 -1.18 1.49 -0.46
H5 0DC B 5 -2.58 2.82 2.66
H6 0DC B 5 -1.21 3.09 4.65
P 0DG B 6 2.89 2.02 9.33
OP1 0DG B 6 1.65 2.26 10.11
OP2 0DG B 6 4.13 2.78 9.65
O5' 0DG B 6 3.24 0.47 9.42
C5' 0DG B 6 2.52 -0.50 8.66
C4' 0DG B 6 3.45 -1.23 7.73
O4' 0DG B 6 3.05 -0.94 6.36
C3' 0DG B 6 3.43 -2.75 7.84
O3' 0DG B 6 4.70 -3.29 7.47
C2' 0DG B 6 2.36 -3.15 6.84
C1' 0DG B 6 2.60 -2.14 5.74
N9 0DG B 6 1.43 -1.80 4.93
C8 0DG B 6 0.24 -1.26 5.38
N7 0DG B 6 -0.61 -1.04 4.42
C5 0DG B 6 0.05 -1.46 3.27
C6 0DG B 6 -0.38 -1.48 1.92
O6 0DG B 6 -1.46 -1.10 1.44
N1 0DG B 6 0.60 -1.99 1.07
C2 0DG B 6 1.84 -2.44 1.49
N2 0DG B 6 2.65 -2.90 0.54
N3 0DG B 6 2.24 -2.43 2.74
C4 0DG B 6 1.30 -1.94 3.58
H5' 0DG B 6 1.74 0.00 8.08
H5'' 0DG B 6 2.05 -1.22 9.34
H4' 0DG B 6 4.47 -0.91 7.95
H3' 0DG B 6 3.19 -3.07 8.86
H2' 0DG B 6 2.48 -4.17 6.52
H2'' 0DG B 6 1.36 -3.05 7.27
H1' 0DG B 6 3.39 -2.49 5.06
H8 0DG B 6 0.05 -1.04 6.41
H1 0DG B 6 0.39 -2.04 0.10
H21 0DG B 6 3.56 -3.24 0.78
H22 0DG B 6 2.33 -2.90 -0.43
P 8MG A 2 -9.75 -11.95 5.69
OP2 8MG A 2 -10.47 -12.45 4.49
O5' 8MG A 2 -9.99 -10.37 5.78
N9 8MG A 2 -6.36 -8.06 6.06
C4 8MG A 2 -5.50 -8.89 5.37
N3 8MG A 2 -5.60 -9.23 4.07
C2 8MG A 2 -4.62 -10.03 3.69
N2 8MG A 2 -4.57 -10.49 2.44
N1 8MG A 2 -3.61 -10.46 4.53
C6 8MG A 2 -3.49 -10.11 5.86
O6 8MG A 2 -2.53 -10.56 6.53
C5 8MG A 2 -4.53 -9.25 6.29
N7 8MG A 2 -4.78 -8.68 7.53
C8 8MG A 2 -5.87 -7.98 7.34
C2' 8MG A 2 -7.53 -7.14 4.05
C5' 8MG A 2 -10.28 -9.60 4.62
C4' 8MG A 2 -9.53 -8.29 4.66
O4' 8MG A 2 -8.66 -8.26 5.81
C1' 8MG A 2 -7.55 -7.41 5.54
C3' 8MG A 2 -8.60 -8.04 3.47
O3' 8MG A 2 -9.31 -7.40 2.41
C 8MG A 2 -6.57 -7.51 8.38
OP1 8MG A 2 -10.05 -12.54 7.03
H21 8MG A 2 -5.29 -10.21 1.78
H22 8MG A 2 -3.82 -11.08 2.15
H1 8MG A 2 -2.92 -11.07 4.13
H2' 8MG A 2 -6.56 -7.34 3.60
H2'' 8MG A 2 -7.76 -6.09 3.86
H5' 8MG A 2 -11.36 -9.39 4.58
H5'' 8MG A 2 -9.99 -10.16 3.73
H4' 8MG A 2 -10.26 -7.49 4.65
H1' 8MG A 2 -7.70 -6.48 6.10
H3' 8MG A 2 -8.18 -8.98 3.10
HC1 8MG A 2 -6.66 -6.43 8.28
HC2 8MG A 2 -6.06 -7.76 9.31
HC3 8MG A 2 -7.57 -7.95 8.37
P 0DC A 5 -2.94 -6.16 -7.32
OP1 0DC A 5 -3.08 -6.54 -8.75
OP2 0DC A 5 -2.09 -6.98 -6.42
O5' 0DC A 5 -2.42 -4.65 -7.25
C5' 0DC A 5 -1.20 -4.26 -7.89
C4' 0DC A 5 -0.01 -4.77 -7.11
O4' 0DC A 5 -0.34 -4.75 -5.70
C3' 0DC A 5 1.26 -3.93 -7.24
O3' 0DC A 5 2.42 -4.76 -7.13
C2' 0DC A 5 1.17 -2.97 -6.07
C1' 0DC A 5 0.42 -3.76 -5.02
N1 0DC A 5 -0.52 -2.94 -4.22
C2 0DC A 5 -0.22 -2.67 -2.90
O2 0DC A 5 0.83 -3.11 -2.42
N3 0DC A 5 -1.07 -1.92 -2.16
C4 0DC A 5 -2.19 -1.45 -2.71
N4 0DC A 5 -3.01 -0.72 -1.95
C5 0DC A 5 -2.54 -1.73 -4.07
C6 0DC A 5 -1.68 -2.47 -4.78
H5' 0DC A 5 -1.15 -3.17 -7.96
H5'' 0DC A 5 -1.16 -4.67 -8.90
H4' 0DC A 5 0.23 -5.76 -7.49
H3' 0DC A 5 1.29 -3.40 -8.19
H2' 0DC A 5 2.16 -2.69 -5.71
H2'' 0DC A 5 0.66 -2.05 -6.35
H1' 0DC A 5 1.10 -4.26 -4.33
H41 0DC A 5 -3.86 -0.35 -2.33
H42 0DC A 5 -2.75 -0.55 -0.99
H5 0DC A 5 -3.46 -1.35 -4.50
H6 0DC A 5 -1.91 -2.70 -5.83
P 0DG A 6 3.85 -4.21 -7.60
OP1 0DG A 6 3.64 -3.37 -8.79
OP2 0DG A 6 4.79 -5.37 -7.67
O5' 0DG A 6 4.32 -3.27 -6.40
C5' 0DG A 6 4.44 -3.77 -5.07
C4' 0DG A 6 5.42 -2.94 -4.28
O4' 0DG A 6 4.71 -2.29 -3.20
C3' 0DG A 6 6.11 -1.81 -5.05
O3' 0DG A 6 7.42 -1.59 -4.53
C2' 0DG A 6 5.21 -0.61 -4.79
C1' 0DG A 6 4.68 -0.88 -3.39
N9 0DG A 6 3.31 -0.43 -3.19
C8 0DG A 6 2.27 -0.49 -4.09
N7 0DG A 6 1.16 0.00 -3.62
C5 0DG A 6 1.48 0.42 -2.34
C6 0DG A 6 0.68 1.03 -1.34
O6 0DG A 6 -0.52 1.35 -1.40
N1 0DG A 6 1.40 1.27 -0.17
C2 0DG A 6 2.73 0.98 0.00
N2 0DG A 6 3.25 1.30 1.19
N3 0DG A 6 3.49 0.41 -0.91
C4 0DG A 6 2.81 0.16 -2.06
H5' 0DG A 6 4.79 -4.80 -5.10
H5'' 0DG A 6 3.47 -3.74 -4.58
H4' 0DG A 6 6.21 -3.60 -3.93
H3' 0DG A 6 6.18 -2.04 -6.11
H2' 0DG A 6 5.77 0.32 -4.84
H2'' 0DG A 6 4.41 -0.55 -5.53
H1' 0DG A 6 5.32 -0.42 -2.64
H8 0DG A 6 2.38 -0.91 -5.08
H1 0DG A 6 0.91 1.71 0.59
H21 0DG A 6 2.68 1.73 1.90
H22 0DG A 6 4.23 1.11 1.38
P 8MG B 2 3.67 14.61 -6.77
OP2 8MG B 2 2.97 15.57 -5.87
O5' 8MG B 2 2.63 13.46 -7.17
N9 8MG B 2 3.19 9.35 -6.58
C4 8MG B 2 4.04 9.49 -5.51
N3 8MG B 2 3.73 10.06 -4.33
C2 8MG B 2 4.75 10.04 -3.48
N2 8MG B 2 4.61 10.57 -2.26
N1 8MG B 2 5.97 9.50 -3.78
C6 8MG B 2 6.32 8.92 -4.98
O6 8MG B 2 7.46 8.46 -5.15
C5 8MG B 2 5.23 8.93 -5.90
N7 8MG B 2 5.14 8.45 -7.20
C8 8MG B 2 3.92 8.72 -7.56
C2' 8MG B 2 1.07 9.85 -5.34
C5' 8MG B 2 1.34 13.37 -6.56
C4' 8MG B 2 0.89 11.93 -6.49
O4' 8MG B 2 1.80 11.10 -7.23
C1' 8MG B 2 1.81 9.79 -6.67
C3' 8MG B 2 0.84 11.33 -5.10
O3' 8MG B 2 -0.43 11.56 -4.50
C 8MG B 2 3.54 8.67 -8.84
OP1 8MG B 2 4.31 15.11 -8.01
H21 8MG B 2 3.73 10.99 -1.99
H22 8MG B 2 5.39 10.57 -1.61
H1 8MG B 2 6.69 9.53 -3.06
H2' 8MG B 2 1.65 9.39 -4.53
H2'' 8MG B 2 0.12 9.31 -5.42
H5' 8MG B 2 0.62 13.95 -7.13
H5'' 8MG B 2 1.40 13.77 -5.54
H4' 8MG B 2 -0.13 11.90 -6.88
H1' 8MG B 2 1.28 9.13 -7.36
H3' 8MG B 2 1.62 11.76 -4.46
HC1 8MG B 2 4.38 8.34 -9.45
HC2 8MG B 2 3.23 9.65 -9.17
HC3 8MG B 2 2.73 7.96 -8.95
P 0DC B 5 -3.24 6.44 6.63
OP1 0DC B 5 -3.60 5.19 5.91
OP2 0DC B 5 -4.16 6.99 7.66
O5' 0DC B 5 -1.82 6.21 7.33
C5' 0DC B 5 -1.36 4.92 7.69
C4' 0DC B 5 -0.13 4.55 6.89
O4' 0DC B 5 -0.45 4.57 5.49
C3' 0DC B 5 0.45 3.16 7.19
O3' 0DC B 5 1.87 3.25 7.40
C2' 0DC B 5 0.15 2.36 5.93
C1' 0DC B 5 0.12 3.44 4.87
N1 0DC B 5 -0.67 3.11 3.67
C2 0DC B 5 -0.02 2.55 2.57
O2 0DC B 5 1.21 2.37 2.64
N3 0DC B 5 -0.73 2.24 1.47
C4 0DC B 5 -2.04 2.47 1.43
N4 0DC B 5 -2.70 2.14 0.32
C5 0DC B 5 -2.74 3.04 2.54
C6 0DC B 5 -2.02 3.33 3.63
H5' 0DC B 5 -2.15 4.18 7.48
H5'' 0DC B 5 -1.13 4.89 8.75
H4' 0DC B 5 0.65 5.27 7.16
H3' 0DC B 5 -0.02 2.73 8.07
H2' 0DC B 5 0.93 1.62 5.74
H2'' 0DC B 5 -0.80 1.85 6.02
H1' 0DC B 5 1.14 3.71 4.56
H41 0DC B 5 -3.70 2.28 0.26
H42 0DC B 5 -2.20 1.72 -0.46
H5 0DC B 5 -3.81 3.22 2.49
H6 0DC B 5 -2.52 3.77 4.50
P 0DG B 6 2.57 2.33 8.52
OP1 0DG B 6 1.59 2.06 9.60
OP2 0DG B 6 3.88 2.95 8.84
O5' 0DG B 6 2.86 0.96 7.76
C5' 0DG B 6 3.70 0.92 6.60
C4' 0DG B 6 3.95 -0.51 6.18
O4' 0DG B 6 3.38 -0.70 4.86
C3' 0DG B 6 3.32 -1.58 7.05
O3' 0DG B 6 4.14 -2.76 7.06
C2' 0DG B 6 1.99 -1.85 6.37
C1' 0DG B 6 2.38 -1.71 4.90
N9 0DG B 6 1.29 -1.32 4.02
C8 0DG B 6 0.17 -0.59 4.35
N7 0DG B 6 -0.63 -0.40 3.35
C5 0DG B 6 -0.01 -1.04 2.29
C6 0DG B 6 -0.41 -1.19 0.93
O6 0DG B 6 -1.42 -0.75 0.39
N1 0DG B 6 0.52 -1.91 0.20
C2 0DG B 6 1.69 -2.44 0.70
N2 0DG B 6 2.46 -3.11 -0.17
N3 0DG B 6 2.07 -2.32 1.96
C4 0DG B 6 1.18 -1.62 2.69
H5' 0DG B 6 4.65 1.40 6.82
H5'' 0DG B 6 3.22 1.46 5.78
H4' 0DG B 6 5.02 -0.67 6.19
H3' 0DG B 6 3.18 -1.23 8.08
H2' 0DG B 6 1.60 -2.84 6.61
H2'' 0DG B 6 1.24 -1.12 6.66
H1' 0DG B 6 2.82 -2.64 4.54
H8 0DG B 6 -0.02 -0.22 5.35
H1 0DG B 6 0.32 -2.06 -0.77
H21 0DG B 6 3.32 -3.53 0.15
H22 0DG B 6 2.17 -3.21 -1.13
P 8MG A 2 -10.33 -11.84 5.39
OP2 8MG A 2 -11.06 -12.34 4.21
O5' 8MG A 2 -10.54 -10.27 5.47
N9 8MG A 2 -6.65 -8.11 6.07
C4 8MG A 2 -5.68 -8.90 5.48
N3 8MG A 2 -5.59 -9.22 4.17
C2 8MG A 2 -4.55 -9.98 3.93
N2 8MG A 2 -4.31 -10.40 2.68
N1 8MG A 2 -3.64 -10.39 4.87
C6 8MG A 2 -3.72 -10.07 6.23
O6 8MG A 2 -2.85 -10.51 7.00
C5 8MG A 2 -4.83 -9.25 6.52
N7 8MG A 2 -5.27 -8.71 7.72
C8 8MG A 2 -6.34 -8.04 7.40
C2' 8MG A 2 -7.64 -7.26 3.92
C5' 8MG A 2 -10.60 -9.46 4.30
C4' 8MG A 2 -9.78 -8.20 4.45
O4' 8MG A 2 -8.91 -8.35 5.59
C1' 8MG A 2 -7.79 -7.49 5.42
C3' 8MG A 2 -8.85 -7.89 3.27
O3' 8MG A 2 -9.49 -6.97 2.39
C 8MG A 2 -7.21 -7.65 8.34
OP1 8MG A 2 -10.63 -12.41 6.73
H21 8MG A 2 -4.94 -10.12 1.94
H22 8MG A 2 -3.53 -10.98 2.47
H1 8MG A 2 -2.88 -10.98 4.58
H2' 8MG A 2 -6.71 -7.69 3.54
H2'' 8MG A 2 -7.60 -6.19 3.73
H5' 8MG A 2 -11.64 -9.19 4.10
H5'' 8MG A 2 -10.23 -10.03 3.44
H4' 8MG A 2 -10.47 -7.37 4.54
H1' 8MG A 2 -8.01 -6.56 5.93
H3' 8MG A 2 -8.59 -8.80 2.73
HC1 8MG A 2 -7.30 -6.57 8.31
HC2 8MG A 2 -6.85 -7.95 9.31
HC3 8MG A 2 -8.19 -8.09 8.15
P 0DC A 5 -2.41 -6.09 -7.15
OP1 0DC A 5 -2.24 -6.41 -8.59
OP2 0DC A 5 -1.75 -6.93 -6.12
O5' 0DC A 5 -1.99 -4.58 -6.91
C5' 0DC A 5 -0.80 -4.05 -7.49
C4' 0DC A 5 0.41 -4.50 -6.72
O4' 0DC A 5 0.09 -4.52 -5.31
C3' 0DC A 5 1.64 -3.59 -6.85
O3' 0DC A 5 2.84 -4.37 -6.78
C2' 0DC A 5 1.53 -2.67 -5.66
C1' 0DC A 5 0.81 -3.51 -4.60
N1 0DC A 5 -0.16 -2.76 -3.79
C2 0DC A 5 0.15 -2.50 -2.45
O2 0DC A 5 1.22 -2.92 -1.98
N3 0DC A 5 -0.74 -1.82 -1.69
C4 0DC A 5 -1.88 -1.39 -2.23
N4 0DC A 5 -2.72 -0.72 -1.45
C5 0DC A 5 -2.22 -1.63 -3.60
C6 0DC A 5 -1.33 -2.31 -4.33
H5' 0DC A 5 -0.84 -2.96 -7.49
H5'' 0DC A 5 -0.71 -4.39 -8.52
H4' 0DC A 5 0.71 -5.48 -7.11
H3' 0DC A 5 1.62 -3.05 -7.79
H2' 0DC A 5 2.51 -2.36 -5.29
H2'' 0DC A 5 0.96 -1.76 -5.90
H1' 0DC A 5 1.53 -4.00 -3.94
H41 0DC A 5 -3.60 -0.36 -1.82
H42 0DC A 5 -2.48 -0.55 -0.48
H5 0DC A 5 -3.15 -1.27 -4.02
H6 0DC A 5 -1.56 -2.52 -5.38
P 0DG A 6 3.77 -4.54 -8.08
OP1 0DG A 6 3.01 -4.05 -9.27
OP2 0DG A 6 4.31 -5.92 -8.08
O5' 0DG A 6 4.98 -3.54 -7.84
C5' 0DG A 6 4.76 -2.23 -7.30
C4' 0DG A 6 5.79 -1.92 -6.24
O4' 0DG A 6 5.12 -1.71 -4.98
C3' 0DG A 6 6.62 -0.66 -6.50
O3' 0DG A 6 7.98 -0.84 -6.05
C2' 0DG A 6 5.89 0.42 -5.70
C1' 0DG A 6 5.20 -0.35 -4.58
N9 0DG A 6 3.83 0.10 -4.30
C8 0DG A 6 2.80 0.26 -5.19
N7 0DG A 6 1.70 0.67 -4.63
C5 0DG A 6 2.02 0.79 -3.28
C6 0DG A 6 1.24 1.20 -2.18
O6 0DG A 6 0.04 1.55 -2.17
N1 0DG A 6 1.96 1.17 -0.99
C2 0DG A 6 3.27 0.81 -0.89
N2 0DG A 6 3.80 0.85 0.35
N3 0DG A 6 4.02 0.43 -1.91
C4 0DG A 6 3.34 0.45 -3.06
H5' 0DG A 6 3.77 -2.18 -6.85
H5'' 0DG A 6 4.83 -1.48 -8.09
H4' 0DG A 6 6.50 -2.76 -6.22
H3' 0DG A 6 6.63 -0.42 -7.56
H2' 0DG A 6 6.58 1.14 -5.29
H2'' 0DG A 6 5.19 0.96 -6.33
H1' 0DG A 6 5.77 -0.30 -3.66
H8 0DG A 6 2.89 0.06 -6.25
H1 0DG A 6 1.48 1.46 -0.15
H21 0DG A 6 3.23 1.15 1.12
H22 0DG A 6 4.76 0.58 0.49
P 8MG B 2 2.52 14.49 -4.47
OP2 8MG B 2 2.35 14.33 -3.01
O5' 8MG B 2 1.16 14.07 -5.18
N9 8MG B 2 3.19 9.67 -6.69
C4 8MG B 2 4.01 9.73 -5.57
N3 8MG B 2 3.64 10.13 -4.34
C2 8MG B 2 4.65 10.09 -3.48
N2 8MG B 2 4.46 10.47 -2.22
N1 8MG B 2 5.91 9.67 -3.82
C6 8MG B 2 6.31 9.25 -5.07
O6 8MG B 2 7.49 8.89 -5.27
C5 8MG B 2 5.24 9.30 -6.00
N7 8MG B 2 5.21 8.97 -7.35
C8 8MG B 2 3.97 9.21 -7.71
C2' 8MG B 2 1.04 9.97 -5.43
C5' 8MG B 2 1.14 13.55 -6.50
C4' 8MG B 2 0.73 12.09 -6.49
O4' 8MG B 2 1.69 11.34 -7.26
C1' 8MG B 2 1.78 10.01 -6.76
C3' 8MG B 2 0.71 11.42 -5.13
O3' 8MG B 2 -0.60 11.53 -4.54
C 8MG B 2 3.63 9.33 -9.00
OP1 8MG B 2 2.94 15.81 -5.02
H21 8MG B 2 3.55 10.79 -1.92
H22 8MG B 2 5.23 10.44 -1.57
H1 8MG B 2 6.61 9.67 -3.08
H2' 8MG B 2 1.63 9.53 -4.65
H2'' 8MG B 2 0.13 9.38 -5.55
H5' 8MG B 2 2.13 13.64 -6.95
H5'' 8MG B 2 0.43 14.11 -7.11
H4' 8MG B 2 -0.28 12.03 -6.89
H1' 8MG B 2 1.31 9.35 -7.49
H3' 8MG B 2 1.43 11.87 -4.45
HC1 8MG B 2 4.49 9.08 -9.62
HC2 8MG B 2 3.34 10.37 -9.19
HC3 8MG B 2 2.81 8.66 -9.23
P 0DC B 5 1.02 7.52 5.50
OP1 0DC B 5 1.46 8.89 5.86
OP2 0DC B 5 1.78 6.74 4.49
O5' 0DC B 5 0.95 6.66 6.84
C5' 0DC B 5 0.34 5.37 6.86
C4' 0DC B 5 1.33 4.33 6.38
O4' 0DC B 5 1.16 4.17 4.94
C3' 0DC B 5 1.15 2.93 6.99
O3' 0DC B 5 2.43 2.43 7.42
C2' 0DC B 5 0.62 2.09 5.84
C1' 0DC B 5 1.16 2.80 4.61
N1 0DC B 5 0.37 2.63 3.39
C2 0DC B 5 0.99 2.12 2.25
O2 0DC B 5 2.19 1.82 2.32
N3 0DC B 5 0.28 1.98 1.12
C4 0DC B 5 -1.01 2.32 1.09
N4 0DC B 5 -1.68 2.16 -0.05
C5 0DC B 5 -1.68 2.83 2.24
C6 0DC B 5 -0.96 2.97 3.36
H5' 0DC B 5 -0.53 5.35 6.21
H5'' 0DC B 5 0.03 5.12 7.88
H4' 0DC B 5 2.33 4.68 6.66
H3' 0DC B 5 0.47 2.95 7.83
H2' 0DC B 5 0.99 1.06 5.89
H2'' 0DC B 5 -0.47 2.05 5.84
H1' 0DC B 5 2.19 2.50 4.41
H41 0DC B 5 -2.65 2.41 -0.11
H42 0DC B 5 -1.19 1.80 -0.86
H5 0DC B 5 -2.73 3.11 2.21
H6 0DC B 5 -1.44 3.35 4.27
P 0DG B 6 2.74 2.26 8.99
OP1 0DG B 6 1.57 2.73 9.77
OP2 0DG B 6 4.07 2.88 9.23
O5' 0DG B 6 2.88 0.70 9.19
C5' 0DG B 6 2.06 -0.21 8.46
C4' 0DG B 6 2.92 -1.16 7.65
O4' 0DG B 6 2.69 -0.93 6.24
C3' 0DG B 6 2.61 -2.65 7.88
O3' 0DG B 6 3.77 -3.45 7.63
C2' 0DG B 6 1.55 -2.91 6.82
C1' 0DG B 6 2.07 -2.07 5.67
N9 0DG B 6 1.02 -1.60 4.76
C8 0DG B 6 -0.12 -0.91 5.08
N7 0DG B 6 -0.86 -0.64 4.04
C5 0DG B 6 -0.17 -1.18 2.97
C6 0DG B 6 -0.48 -1.19 1.59
O6 0DG B 6 -1.47 -0.73 1.01
N1 0DG B 6 0.50 -1.84 0.85
C2 0DG B 6 1.64 -2.41 1.37
N2 0DG B 6 2.47 -2.99 0.51
N3 0DG B 6 1.95 -2.40 2.66
C4 0DG B 6 1.00 -1.77 3.39
H5' 0DG B 6 1.42 0.35 7.77
H5'' 0DG B 6 1.44 -0.78 9.14
H4' 0DG B 6 3.96 -1.00 7.95
H3' 0DG B 6 2.24 -2.82 8.89
H2' 0DG B 6 1.49 -3.97 6.59
H2'' 0DG B 6 0.57 -2.60 7.17
H1' 0DG B 6 2.82 -2.60 5.09
H8 0DG B 6 -0.37 -0.61 6.09
H1 0DG B 6 0.37 -1.91 -0.15
H21 0DG B 6 3.32 -3.42 0.83
H22 0DG B 6 2.24 -3.00 -0.48
P 8MG A 2 -8.75 -12.44 2.90
OP2 8MG A 2 -7.96 -12.13 1.68
O5' 8MG A 2 -9.95 -11.40 2.99
N9 8MG A 2 -6.88 -8.84 6.08
C4 8MG A 2 -5.86 -9.48 5.42
N3 8MG A 2 -5.80 -9.76 4.10
C2 8MG A 2 -4.69 -10.37 3.77
N2 8MG A 2 -4.47 -10.73 2.49
N1 8MG A 2 -3.70 -10.70 4.66
C6 8MG A 2 -3.73 -10.44 6.03
O6 8MG A 2 -2.78 -10.79 6.74
C5 8MG A 2 -4.92 -9.77 6.39
N7 8MG A 2 -5.36 -9.33 7.64
C8 8MG A 2 -6.53 -8.78 7.40
C2' 8MG A 2 -8.01 -7.96 4.01
C5' 8MG A 2 -10.35 -10.86 4.25
C4' 8MG A 2 -9.86 -9.43 4.39
O4' 8MG A 2 -9.10 -9.33 5.62
C1' 8MG A 2 -8.11 -8.32 5.49
C3' 8MG A 2 -8.92 -8.96 3.30
O3' 8MG A 2 -9.65 -8.30 2.26
C 8MG A 2 -7.38 -8.52 8.38
OP1 8MG A 2 -9.32 -13.81 3.07
H21 8MG A 2 -5.17 -10.51 1.80
H22 8MG A 2 -3.62 -11.21 2.24
H1 8MG A 2 -2.89 -11.19 4.31
H2' 8MG A 2 -6.99 -8.03 3.65
H2'' 8MG A 2 -8.36 -6.95 3.87
H5' 8MG A 2 -9.95 -11.45 5.06
H5'' 8MG A 2 -11.44 -10.87 4.32
H4' 8MG A 2 -10.73 -8.78 4.37
H1' 8MG A 2 -8.43 -7.46 6.06
H3' 8MG A 2 -8.35 -9.78 2.87
HC1 8MG A 2 -8.29 -9.10 8.25
HC2 8MG A 2 -7.64 -7.46 8.37
HC3 8MG A 2 -6.93 -8.77 9.35
P 0DC A 5 -3.15 -6.21 -7.10
OP1 0DC A 5 -3.20 -6.67 -8.51
OP2 0DC A 5 -2.22 -6.89 -6.16
O5' 0DC A 5 -2.82 -4.65 -7.09
C5' 0DC A 5 -1.62 -4.14 -7.70
C4' 0DC A 5 -0.40 -4.60 -6.94
O4' 0DC A 5 -0.69 -4.58 -5.52
C3' 0DC A 5 0.84 -3.73 -7.12
O3' 0DC A 5 2.02 -4.54 -7.02
C2' 0DC A 5 0.74 -2.75 -5.97
C1' 0DC A 5 0.05 -3.55 -4.88
N1 0DC A 5 -0.88 -2.76 -4.05
C2 0DC A 5 -0.55 -2.51 -2.72
O2 0DC A 5 0.52 -2.95 -2.26
N3 0DC A 5 -1.41 -1.78 -1.96
C4 0DC A 5 -2.54 -1.32 -2.48
N4 0DC A 5 -3.34 -0.61 -1.70
C5 0DC A 5 -2.90 -1.57 -3.84
C6 0DC A 5 -2.04 -2.29 -4.58
H5' 0DC A 5 -1.66 -3.05 -7.71
H5'' 0DC A 5 -1.56 -4.50 -8.74
H4' 0DC A 5 -0.14 -5.60 -7.30
H3' 0DC A 5 0.82 -3.23 -8.09
H2' 0DC A 5 1.73 -2.42 -5.65
H2'' 0DC A 5 0.18 -1.86 -6.25
H1' 0DC A 5 0.77 -4.03 -4.22
H41 0DC A 5 -4.22 -0.24 -2.06
H42 0DC A 5 -3.09 -0.44 -0.74
H5 0DC A 5 -3.82 -1.19 -4.26
H6 0DC A 5 -2.29 -2.50 -5.62
P 0DG A 6 3.38 -4.06 -7.74
OP1 0DG A 6 3.01 -3.27 -8.95
OP2 0DG A 6 4.25 -5.24 -7.88
O5' 0DG A 6 4.04 -3.07 -6.69
C5' 0DG A 6 4.23 -3.46 -5.33
C4' 0DG A 6 5.22 -2.54 -4.64
O4' 0DG A 6 4.53 -1.87 -3.56
C3' 0DG A 6 5.82 -1.44 -5.50
O3' 0DG A 6 7.16 -1.17 -5.07
C2' 0DG A 6 4.90 -0.28 -5.26
C1' 0DG A 6 4.45 -0.48 -3.82
N9 0DG A 6 3.08 -0.05 -3.56
C8 0DG A 6 2.02 -0.10 -4.44
N7 0DG A 6 0.91 0.35 -3.93
C5 0DG A 6 1.25 0.72 -2.64
C6 0DG A 6 0.47 1.28 -1.60
O6 0DG A 6 -0.73 1.58 -1.61
N1 0DG A 6 1.21 1.50 -0.45
C2 0DG A 6 2.55 1.22 -0.31
N2 0DG A 6 3.10 1.50 0.87
N3 0DG A 6 3.29 0.69 -1.27
C4 0DG A 6 2.59 0.47 -2.40
H5' 0DG A 6 4.62 -4.49 -5.30
H5'' 0DG A 6 3.28 -3.43 -4.80
H4' 0DG A 6 6.05 -3.16 -4.30
H3' 0DG A 6 5.83 -1.74 -6.56
H2' 0DG A 6 5.42 0.68 -5.37
H2'' 0DG A 6 4.06 -0.27 -5.96
H1' 0DG A 6 5.11 0.05 -3.13
H8 0DG A 6 2.10 -0.47 -5.45
H1 0DG A 6 0.73 1.90 0.34
H21 0DG A 6 2.53 1.89 1.61
H22 0DG A 6 4.07 1.30 1.03
P 8MG B 2 3.37 14.57 -4.16
OP2 8MG B 2 3.17 14.05 -2.79
O5' 8MG B 2 1.97 14.49 -4.93
N9 8MG B 2 3.69 10.19 -6.96
C4 8MG B 2 4.47 10.07 -5.83
N3 8MG B 2 4.10 10.41 -4.57
C2 8MG B 2 5.07 10.19 -3.71
N2 8MG B 2 4.88 10.48 -2.41
N1 8MG B 2 6.30 9.67 -4.04
C6 8MG B 2 6.69 9.31 -5.32
O6 8MG B 2 7.83 8.85 -5.50
C5 8MG B 2 5.66 9.55 -6.27
N7 8MG B 2 5.64 9.33 -7.64
C8 8MG B 2 4.45 9.73 -8.00
C2' 8MG B 2 1.51 10.53 -5.76
C5' 8MG B 2 1.90 14.20 -6.32
C4' 8MG B 2 1.42 12.78 -6.56
O4' 8MG B 2 2.39 12.07 -7.33
C1' 8MG B 2 2.32 10.69 -7.05
C3' 8MG B 2 1.22 11.94 -5.29
O3' 8MG B 2 -0.13 12.06 -4.82
C 8MG B 2 4.16 9.97 -9.29
OP1 8MG B 2 3.92 15.93 -4.37
H21 8MG B 2 4.00 10.87 -2.11
H22 8MG B 2 5.62 10.32 -1.75
H1 8MG B 2 6.97 9.53 -3.30
H2' 8MG B 2 2.04 9.96 -5.00
H2'' 8MG B 2 0.58 9.99 -5.99
H5' 8MG B 2 2.89 14.31 -6.76
H5'' 8MG B 2 1.22 14.90 -6.82
H4' 8MG B 2 0.44 12.85 -7.04
H1' 8MG B 2 1.82 10.19 -7.88
H3' 8MG B 2 1.90 12.26 -4.50
HC1 8MG B 2 5.03 9.73 -9.90
HC2 8MG B 2 3.90 11.02 -9.41
HC3 8MG B 2 3.33 9.34 -9.60
P 0DC B 5 0.25 8.32 6.54
OP1 0DC B 5 0.30 9.62 7.25
OP2 0DC B 5 1.40 7.91 5.71
O5' 0DC B 5 -0.01 7.17 7.62
C5' 0DC B 5 -0.78 6.02 7.28
C4' 0DC B 5 0.09 4.97 6.64
O4' 0DC B 5 -0.20 4.92 5.23
C3' 0DC B 5 -0.12 3.55 7.16
O3' 0DC B 5 1.02 3.13 7.92
C2' 0DC B 5 -0.26 2.70 5.90
C1' 0DC B 5 0.09 3.63 4.76
N1 0DC B 5 -0.68 3.41 3.53
C2 0DC B 5 -0.03 2.82 2.44
O2 0DC B 5 1.16 2.49 2.55
N3 0DC B 5 -0.72 2.60 1.30
C4 0DC B 5 -2.01 2.96 1.22
N4 0DC B 5 -2.65 2.73 0.07
C5 0DC B 5 -2.69 3.55 2.31
C6 0DC B 5 -1.99 3.76 3.44
H5' 0DC B 5 -1.58 6.30 6.60
H5'' 0DC B 5 -1.23 5.60 8.19
H4' 0DC B 5 1.13 5.23 6.86
H3' 0DC B 5 -1.01 3.49 7.78
H2' 0DC B 5 0.42 1.84 5.92
H2'' 0DC B 5 -1.27 2.29 5.81
H1' 0DC B 5 1.16 3.59 4.53
H41 0DC B 5 -3.61 2.98 -0.03
H42 0DC B 5 -2.16 2.30 -0.70
H5 0DC B 5 -3.74 3.85 2.24
H6 0DC B 5 -2.48 4.22 4.30
P 0DG B 6 0.85 2.01 9.06
OP1 0DG B 6 -0.50 1.41 8.93
OP2 0DG B 6 1.26 2.62 10.34
O5' 0DG B 6 1.93 0.89 8.68
C5' 0DG B 6 2.71 0.99 7.49
C4' 0DG B 6 2.89 -0.37 6.87
O4' 0DG B 6 2.28 -0.36 5.54
C3' 0DG B 6 2.23 -1.53 7.62
O3' 0DG B 6 3.05 -2.70 7.55
C2' 0DG B 6 0.93 -1.74 6.86
C1' 0DG B 6 1.37 -1.43 5.44
N9 0DG B 6 0.29 -1.01 4.55
C8 0DG B 6 -0.82 -0.27 4.87
N7 0DG B 6 -1.62 -0.06 3.87
C5 0DG B 6 -0.99 -0.69 2.80
C6 0DG B 6 -1.38 -0.81 1.45
O6 0DG B 6 -2.39 -0.36 0.89
N1 0DG B 6 -0.46 -1.55 0.71
C2 0DG B 6 0.70 -2.10 1.23
N2 0DG B 6 1.46 -2.76 0.35
N3 0DG B 6 1.06 -1.99 2.48
C4 0DG B 6 0.18 -1.30 3.21
H5' 0DG B 6 3.69 1.41 7.74
H5'' 0DG B 6 2.22 1.65 6.78
H4' 0DG B 6 3.96 -0.58 6.84
H3' 0DG B 6 2.06 -1.28 8.67
H2' 0DG B 6 0.56 -2.77 6.98
H2'' 0DG B 6 0.15 -1.07 7.21
H1' 0DG B 6 1.88 -2.28 4.99
H8 0DG B 6 -1.03 0.09 5.88
H1 0DG B 6 -0.65 -1.69 -0.27
H21 0DG B 6 2.33 -3.19 0.68
H22 0DG B 6 1.19 -2.85 -0.62
P 8MG A 2 -9.18 -12.14 3.77
OP2 8MG A 2 -9.06 -11.33 2.52
O5' 8MG A 2 -10.04 -11.31 4.82
N9 8MG A 2 -6.78 -8.96 6.45
C4 8MG A 2 -5.83 -9.56 5.66
N3 8MG A 2 -5.87 -9.65 4.31
C2 8MG A 2 -4.81 -10.29 3.83
N2 8MG A 2 -4.69 -10.47 2.51
N1 8MG A 2 -3.81 -10.80 4.61
C6 8MG A 2 -3.75 -10.72 5.99
O6 8MG A 2 -2.79 -11.21 6.60
C5 8MG A 2 -4.88 -10.04 6.52
N7 8MG A 2 -5.22 -9.75 7.84
C8 8MG A 2 -6.36 -9.11 7.75
C2' 8MG A 2 -7.90 -7.64 4.62
C5' 8MG A 2 -10.72 -10.10 4.44
C4' 8MG A 2 -9.92 -8.89 4.88
O4' 8MG A 2 -9.04 -9.24 5.96
C1' 8MG A 2 -7.99 -8.28 6.01
C3' 8MG A 2 -9.01 -8.30 3.81
O3' 8MG A 2 -9.71 -7.34 3.03
C 8MG A 2 -7.16 -8.98 8.80
OP1 8MG A 2 -9.73 -13.51 3.70
H21 8MG A 2 -5.40 -10.12 1.89
H22 8MG A 2 -3.88 -10.96 2.15
H1 8MG A 2 -3.04 -11.27 4.14
H2' 8MG A 2 -6.92 -7.80 4.17
H2'' 8MG A 2 -8.07 -6.56 4.71
H5' 8MG A 2 -11.69 -10.07 4.92
H5'' 8MG A 2 -10.85 -10.07 3.36
H4' 8MG A 2 -10.64 -8.10 5.14
H1' 8MG A 2 -8.26 -7.53 6.76
H3' 8MG A 2 -8.61 -9.08 3.16
HC1 8MG A 2 -8.08 -9.53 8.62
HC2 8MG A 2 -7.39 -7.92 8.94
HC3 8MG A 2 -6.66 -9.36 9.69
P 0DC A 5 -2.50 -6.77 -6.48
OP1 0DC A 5 -3.23 -7.84 -7.22
OP2 0DC A 5 -1.75 -7.12 -5.25
O5' 0DC A 5 -1.49 -6.07 -7.50
C5' 0DC A 5 -0.99 -4.75 -7.26
C4' 0DC A 5 0.26 -4.80 -6.43
O4' 0DC A 5 -0.09 -4.56 -5.04
C3' 0DC A 5 1.33 -3.76 -6.79
O3' 0DC A 5 2.64 -4.34 -6.70
C2' 0DC A 5 1.15 -2.68 -5.74
C1' 0DC A 5 0.62 -3.44 -4.54
N1 0DC A 5 -0.30 -2.67 -3.68
C2 0DC A 5 -0.01 -2.52 -2.33
O2 0DC A 5 1.04 -3.02 -1.89
N3 0DC A 5 -0.86 -1.82 -1.54
C4 0DC A 5 -1.96 -1.28 -2.06
N4 0DC A 5 -2.77 -0.62 -1.25
C5 0DC A 5 -2.28 -1.42 -3.44
C6 0DC A 5 -1.44 -2.11 -4.21
H5' 0DC A 5 -1.75 -4.17 -6.73
H5'' 0DC A 5 -0.77 -4.26 -8.20
H4' 0DC A 5 0.72 -5.78 -6.59
H3' 0DC A 5 1.18 -3.38 -7.80
H2' 0DC A 5 2.10 -2.20 -5.50
H2'' 0DC A 5 0.46 -1.91 -6.08
H1' 0DC A 5 1.44 -3.81 -3.92
H41 0DC A 5 -3.63 -0.20 -1.60
H42 0DC A 5 -2.54 -0.54 -0.27
H5 0DC A 5 -3.19 -0.97 -3.86
H6 0DC A 5 -1.65 -2.23 -5.27
P 0DG A 6 3.81 -3.82 -7.67
OP1 0DG A 6 3.30 -2.65 -8.43
OP2 0DG A 6 4.35 -4.99 -8.41
O5' 0DG A 6 4.95 -3.29 -6.68
C5' 0DG A 6 4.99 -3.71 -5.32
C4' 0DG A 6 5.90 -2.82 -4.52
O4' 0DG A 6 5.12 -2.16 -3.50
C3' 0DG A 6 6.61 -1.71 -5.31
O3' 0DG A 6 7.97 -1.57 -4.89
C2' 0DG A 6 5.79 -0.47 -5.01
C1' 0DG A 6 5.16 -0.74 -3.66
N9 0DG A 6 3.80 -0.25 -3.50
C8 0DG A 6 2.81 -0.19 -4.46
N7 0DG A 6 1.68 0.29 -4.01
C5 0DG A 6 1.94 0.58 -2.68
C6 0DG A 6 1.11 1.12 -1.66
O6 0DG A 6 -0.07 1.47 -1.75
N1 0DG A 6 1.78 1.25 -0.45
C2 0DG A 6 3.10 0.91 -0.24
N2 0DG A 6 3.56 1.10 0.99
N3 0DG A 6 3.88 0.40 -1.18
C4 0DG A 6 3.25 0.26 -2.35
H5' 0DG A 6 5.34 -4.74 -5.26
H5'' 0DG A 6 3.98 -3.67 -4.89
H4' 0DG A 6 6.69 -3.45 -4.10
H3' 0DG A 6 6.60 -1.95 -6.38
H2' 0DG A 6 6.41 0.41 -4.97
H2'' 0DG A 6 5.03 -0.30 -5.79
H1' 0DG A 6 5.77 -0.34 -2.86
H8 0DG A 6 2.95 -0.52 -5.49
H1 0DG A 6 1.27 1.63 0.32
H21 0DG A 6 2.97 1.48 1.71
H22 0DG A 6 4.52 0.86 1.21
P 8MG B 2 3.65 14.52 -7.08
OP2 8MG B 2 3.06 15.50 -6.14
O5' 8MG B 2 2.53 13.45 -7.46
N9 8MG B 2 3.23 9.28 -6.82
C4 8MG B 2 4.07 9.42 -5.74
N3 8MG B 2 3.76 9.99 -4.56
C2 8MG B 2 4.78 9.98 -3.72
N2 8MG B 2 4.64 10.51 -2.50
N1 8MG B 2 6.00 9.43 -4.01
C6 8MG B 2 6.35 8.83 -5.22
O6 8MG B 2 7.49 8.38 -5.37
C5 8MG B 2 5.27 8.85 -6.13
N7 8MG B 2 5.17 8.35 -7.42
C8 8MG B 2 3.95 8.63 -7.79
C2' 8MG B 2 1.08 9.72 -5.59
C5' 8MG B 2 1.36 13.29 -6.65
C4' 8MG B 2 0.91 11.85 -6.65
O4' 8MG B 2 1.84 11.05 -7.41
C1' 8MG B 2 1.84 9.71 -6.91
C3' 8MG B 2 0.83 11.19 -5.28
O3' 8MG B 2 -0.47 11.38 -4.72
C 8MG B 2 3.59 8.61 -9.08
OP1 8MG B 2 4.27 14.99 -8.34
H21 8MG B 2 3.76 10.92 -2.23
H22 8MG B 2 5.42 10.50 -1.85
H1 8MG B 2 6.72 9.47 -3.29
H2' 8MG B 2 1.64 9.24 -4.79
H2'' 8MG B 2 0.14 9.17 -5.71
H5' 8MG B 2 0.56 13.92 -7.02
H5'' 8MG B 2 1.59 13.58 -5.62
H4' 8MG B 2 -0.11 11.82 -7.07
H1' 8MG B 2 1.32 9.09 -7.64
H3' 8MG B 2 1.59 11.59 -4.62
HC1 8MG B 2 3.35 9.62 -9.42
HC2 8MG B 2 2.72 7.97 -9.20
HC3 8MG B 2 4.41 8.20 -9.68
P 0DC B 5 -2.48 6.47 6.74
OP1 0DC B 5 -3.64 6.71 7.64
OP2 0DC B 5 -1.13 6.85 7.18
O5' 0DC B 5 -2.48 4.93 6.36
C5' 0DC B 5 -1.73 3.98 7.12
C4' 0DC B 5 -0.28 4.00 6.71
O4' 0DC B 5 -0.19 4.21 5.28
C3' 0DC B 5 0.50 2.71 6.98
O3' 0DC B 5 1.88 3.00 7.25
C2' 0DC B 5 0.35 1.95 5.68
C1' 0DC B 5 0.38 3.07 4.65
N1 0DC B 5 -0.39 2.79 3.42
C2 0DC B 5 0.30 2.35 2.29
O2 0DC B 5 1.53 2.22 2.35
N3 0DC B 5 -0.38 2.09 1.17
C4 0DC B 5 -1.71 2.24 1.14
N4 0DC B 5 -2.35 1.96 0.00
C5 0DC B 5 -2.44 2.69 2.27
C6 0DC B 5 -1.74 2.95 3.39
H5' 0DC B 5 -2.13 2.98 6.96
H5'' 0DC B 5 -1.80 4.22 8.18
H4' 0DC B 5 0.22 4.80 7.29
H3' 0DC B 5 0.07 2.17 7.83
H2' 0DC B 5 1.16 1.25 5.54
H2'' 0DC B 5 -0.58 1.39 5.65
H1' 0DC B 5 1.40 3.32 4.38
H41 0DC B 5 -3.34 2.06 -0.07
H42 0DC B 5 -1.80 1.63 -0.80
H5 0DC B 5 -3.52 2.81 2.24
H6 0DC B 5 -2.28 3.29 4.28
P 0DG B 6 2.48 2.74 8.72
OP1 0DG B 6 1.37 2.78 9.70
OP2 0DG B 6 3.63 3.66 8.88
O5' 0DG B 6 3.06 1.25 8.66
C5' 0DG B 6 2.29 0.19 8.11
C4' 0DG B 6 3.18 -0.85 7.50
O4' 0DG B 6 2.96 -0.90 6.08
C3' 0DG B 6 2.95 -2.29 7.98
O3' 0DG B 6 4.14 -3.06 7.84
C2' 0DG B 6 1.88 -2.77 7.03
C1' 0DG B 6 2.25 -2.08 5.73
N9 0DG B 6 1.11 -1.69 4.90
C8 0DG B 6 -0.05 -1.07 5.31
N7 0DG B 6 -0.88 -0.83 4.34
C5 0DG B 6 -0.23 -1.33 3.21
C6 0DG B 6 -0.64 -1.35 1.85
O6 0DG B 6 -1.69 -0.93 1.35
N1 0DG B 6 0.33 -1.94 1.05
C2 0DG B 6 1.52 -2.45 1.48
N2 0DG B 6 2.32 -2.97 0.55
N3 0DG B 6 1.92 -2.43 2.74
C4 0DG B 6 0.99 -1.85 3.55
H5' 0DG B 6 1.61 0.58 7.35
H5'' 0DG B 6 1.69 -0.27 8.90
H4' 0DG B 6 4.21 -0.60 7.76
H3' 0DG B 6 2.63 -2.30 9.02
H2' 0DG B 6 1.89 -3.86 6.94
H2'' 0DG B 6 0.88 -2.50 7.38
H1' 0DG B 6 2.91 -2.71 5.13
H8 0DG B 6 -0.25 -0.82 6.35
H1 0DG B 6 0.12 -2.00 0.05
H21 0DG B 6 3.21 -3.35 0.81
H22 0DG B 6 2.02 -2.99 -0.43
P 8MG A 2 -9.00 -12.57 3.38
OP2 8MG A 2 -8.45 -12.46 2.01
O5' 8MG A 2 -10.03 -11.37 3.59
N9 8MG A 2 -6.68 -8.95 6.56
C4 8MG A 2 -5.70 -9.56 5.83
N3 8MG A 2 -5.72 -9.79 4.50
C2 8MG A 2 -4.63 -10.40 4.08
N2 8MG A 2 -4.49 -10.71 2.79
N1 8MG A 2 -3.59 -10.75 4.91
C6 8MG A 2 -3.54 -10.53 6.28
O6 8MG A 2 -2.55 -10.89 6.92
C5 8MG A 2 -4.71 -9.88 6.74
N7 8MG A 2 -5.07 -9.49 8.02
C8 8MG A 2 -6.25 -8.94 7.87
C2' 8MG A 2 -7.94 -8.02 4.60
C5' 8MG A 2 -10.32 -10.88 4.90
C4' 8MG A 2 -9.78 -9.47 5.06
O4' 8MG A 2 -8.94 -9.43 6.23
C1' 8MG A 2 -7.95 -8.42 6.07
C3' 8MG A 2 -8.89 -8.97 3.91
O3' 8MG A 2 -9.69 -8.26 2.95
C 8MG A 2 -7.07 -8.77 8.90
OP1 8MG A 2 -9.67 -13.84 3.79
H21 8MG A 2 -5.23 -10.47 2.14
H22 8MG A 2 -3.65 -11.18 2.47
H1 8MG A 2 -2.79 -11.21 4.49
H2' 8MG A 2 -6.94 -8.09 4.17
H2'' 8MG A 2 -8.26 -6.99 4.51
H5' 8MG A 2 -9.85 -11.51 5.65
H5'' 8MG A 2 -11.39 -10.87 5.07
H4' 8MG A 2 -10.63 -8.80 5.11
H1' 8MG A 2 -8.23 -7.57 6.69
H3' 8MG A 2 -8.38 -9.79 3.42
HC1 8MG A 2 -7.35 -7.72 8.97
HC2 8MG A 2 -6.56 -9.07 9.83
HC3 8MG A 2 -7.96 -9.38 8.77
P 0DC A 5 -4.29 -3.96 -7.69
OP1 0DC A 5 -4.01 -2.62 -7.11
OP2 0DC A 5 -4.93 -4.05 -9.03
O5' 0DC A 5 -2.94 -4.79 -7.74
C5' 0DC A 5 -1.69 -4.15 -8.00
C4' 0DC A 5 -0.76 -4.32 -6.81
O4' 0DC A 5 -1.48 -3.98 -5.60
C3' 0DC A 5 0.49 -3.43 -6.85
O3' 0DC A 5 1.67 -4.24 -6.81
C2' 0DC A 5 0.39 -2.58 -5.59
C1' 0DC A 5 -0.59 -3.33 -4.71
N1 0DC A 5 -1.40 -2.47 -3.84
C2 0DC A 5 -1.07 -2.39 -2.48
O2 0DC A 5 -0.09 -3.04 -2.06
N3 0DC A 5 -1.82 -1.62 -1.66
C4 0DC A 5 -2.84 -0.93 -2.15
N4 0DC A 5 -3.55 -0.17 -1.31
C5 0DC A 5 -3.20 -0.99 -3.53
C6 0DC A 5 -2.46 -1.76 -4.33
H5' 0DC A 5 -1.84 -3.09 -8.17
H5'' 0DC A 5 -1.22 -4.59 -8.87
H4' 0DC A 5 -0.40 -5.35 -6.83
H3' 0DC A 5 0.50 -2.82 -7.74
H2' 0DC A 5 1.35 -2.49 -5.10
H2'' 0DC A 5 0.05 -1.57 -5.82
H1' 0DC A 5 -0.09 -4.08 -4.11
H41 0DC A 5 -4.34 0.35 -1.64
H42 0DC A 5 -3.28 -0.14 -0.33
H5 0DC A 5 -4.05 -0.42 -3.91
H6 0DC A 5 -2.70 -1.83 -5.39
P 0DG A 6 2.64 -4.31 -8.10
OP1 0DG A 6 2.00 -3.57 -9.21
OP2 0DG A 6 3.01 -5.73 -8.29
O5' 0DG A 6 3.94 -3.52 -7.64
C5' 0DG A 6 3.85 -2.24 -7.01
C4' 0DG A 6 4.96 -2.06 -6.02
O4' 0DG A 6 4.39 -1.82 -4.70
C3' 0DG A 6 5.86 -0.86 -6.28
O3' 0DG A 6 7.16 -1.07 -5.69
C2' 0DG A 6 5.13 0.27 -5.58
C1' 0DG A 6 4.47 -0.44 -4.39
N9 0DG A 6 3.12 0.03 -4.10
C8 0DG A 6 2.08 0.16 -5.00
N7 0DG A 6 0.98 0.59 -4.45
C5 0DG A 6 1.31 0.78 -3.12
C6 0DG A 6 0.53 1.24 -2.03
O6 0DG A 6 -0.66 1.60 -2.02
N1 0DG A 6 1.25 1.27 -0.85
C2 0DG A 6 2.58 0.90 -0.73
N2 0DG A 6 3.11 1.00 0.50
N3 0DG A 6 3.32 0.48 -1.73
C4 0DG A 6 2.63 0.43 -2.89
H5' 0DG A 6 2.89 -2.15 -6.50
H5'' 0DG A 6 3.91 -1.45 -7.77
H4' 0DG A 6 5.59 -2.95 -6.06
H3' 0DG A 6 5.97 -0.68 -7.34
H2' 0DG A 6 5.82 1.04 -5.24
H2'' 0DG A 6 4.40 0.73 -6.23
H1' 0DG A 6 5.07 -0.33 -3.49
H8 0DG A 6 2.17 -0.09 -6.05
H1 0DG A 6 0.78 1.59 -0.01
H21 0DG A 6 2.54 1.33 1.27
H22 0DG A 6 4.07 0.74 0.66
P 8MG B 2 4.32 15.46 -6.44
OP2 8MG B 2 3.84 16.45 -5.45
O5' 8MG B 2 3.07 14.62 -6.95
N9 8MG B 2 3.96 10.04 -6.83
C4 8MG B 2 4.56 9.99 -5.59
N3 8MG B 2 4.03 10.45 -4.43
C2 8MG B 2 4.85 10.26 -3.41
N2 8MG B 2 4.48 10.65 -2.18
N1 8MG B 2 6.09 9.69 -3.51
C6 8MG B 2 6.65 9.21 -4.69
O6 8MG B 2 7.77 8.70 -4.68
C5 8MG B 2 5.78 9.40 -5.80
N7 8MG B 2 5.96 9.08 -7.14
C8 8MG B 2 4.85 9.48 -7.71
C2' 8MG B 2 1.56 10.32 -6.12
C5' 8MG B 2 2.18 13.99 -6.03
C4' 8MG B 2 1.71 12.66 -6.58
O4' 8MG B 2 2.79 12.00 -7.26
C1' 8MG B 2 2.65 10.59 -7.15
C3' 8MG B 2 1.23 11.67 -5.53
O3' 8MG B 2 -0.18 11.81 -5.34
C 8MG B 2 4.80 9.66 -9.03
OP1 8MG B 2 5.08 15.93 -7.63
H21 8MG B 2 3.58 11.08 -2.04
H22 8MG B 2 5.10 10.51 -1.40
H1 8MG B 2 6.64 9.60 -2.67
H2' 8MG B 2 1.88 9.62 -5.36
H2'' 8MG B 2 0.70 9.87 -6.62
H5' 8MG B 2 1.32 14.63 -5.84
H5'' 8MG B 2 2.70 13.81 -5.08
H4' 8MG B 2 0.85 12.86 -7.23
H1' 8MG B 2 2.36 10.21 -8.13
H3' 8MG B 2 1.74 11.83 -4.58
HC1 8MG B 2 5.70 9.27 -9.49
HC2 8MG B 2 4.70 10.73 -9.25
HC3 8MG B 2 3.93 9.13 -9.43
P 0DC B 5 -0.51 7.85 5.79
OP1 0DC B 5 -0.58 9.21 6.40
OP2 0DC B 5 0.70 7.46 5.02
O5' 0DC B 5 -0.73 6.78 6.94
C5' 0DC B 5 -1.18 5.46 6.64
C4' 0DC B 5 0.01 4.55 6.37
O4' 0DC B 5 0.14 4.38 4.94
C3' 0DC B 5 -0.11 3.15 6.97
O3' 0DC B 5 1.14 2.74 7.53
C2' 0DC B 5 -0.48 2.28 5.78
C1' 0DC B 5 0.14 3.00 4.59
N1 0DC B 5 -0.61 2.86 3.33
C2 0DC B 5 0.05 2.35 2.22
O2 0DC B 5 1.24 2.02 2.31
N3 0DC B 5 -0.63 2.21 1.05
C4 0DC B 5 -1.93 2.56 0.99
N4 0DC B 5 -2.56 2.41 -0.17
C5 0DC B 5 -2.62 3.08 2.12
C6 0DC B 5 -1.93 3.21 3.26
H5' 0DC B 5 -1.82 5.48 5.76
H5'' 0DC B 5 -1.75 5.06 7.48
H4' 0DC B 5 0.88 5.02 6.83
H3' 0DC B 5 -0.87 3.12 7.74
H2' 0DC B 5 -0.03 1.28 5.87
H2'' 0DC B 5 -1.55 2.15 5.68
H1' 0DC B 5 1.16 2.70 4.42
H41 0DC B 5 -3.53 2.68 -0.26
H42 0DC B 5 -2.06 2.05 -0.98
H5 0DC B 5 -3.66 3.36 2.05
H6 0DC B 5 -2.44 3.61 4.14
P 0DG B 6 1.17 1.76 8.80
OP1 0DG B 6 -0.22 1.36 9.12
OP2 0DG B 6 1.99 2.42 9.85
O5' 0DG B 6 1.95 0.47 8.29
C5' 0DG B 6 2.81 0.54 7.15
C4' 0DG B 6 3.19 -0.85 6.69
O4' 0DG B 6 2.67 -1.07 5.37
C3' 0DG B 6 2.64 -2.00 7.54
O3' 0DG B 6 3.54 -3.11 7.49
C2' 0DG B 6 1.33 -2.32 6.85
C1' 0DG B 6 1.67 -2.08 5.39
N9 0DG B 6 0.54 -1.61 4.57
C8 0DG B 6 -0.52 -0.85 4.99
N7 0DG B 6 -1.36 -0.58 4.04
C5 0DG B 6 -0.82 -1.19 2.92
C6 0DG B 6 -1.29 -1.25 1.59
O6 0DG B 6 -2.31 -0.74 1.11
N1 0DG B 6 -0.44 -1.99 0.77
C2 0DG B 6 0.72 -2.60 1.19
N2 0DG B 6 1.40 -3.27 0.26
N3 0DG B 6 1.17 -2.56 2.43
C4 0DG B 6 0.35 -1.84 3.24
H5' 0DG B 6 3.71 1.10 7.39
H5'' 0DG B 6 2.29 1.04 6.33
H4' 0DG B 6 4.28 -0.92 6.74
H3' 0DG B 6 2.50 -1.69 8.58
H2' 0DG B 6 1.02 -3.35 7.04
H2'' 0DG B 6 0.53 -1.68 7.21
H1' 0DG B 6 2.08 -2.97 4.92
H8 0DG B 6 -0.65 -0.52 6.02
H1 0DG B 6 -0.69 -2.08 -0.20
H21 0DG B 6 2.26 -3.74 0.50
H22 0DG B 6 1.06 -3.31 -0.70
P 8MG A 2 -9.66 -11.27 6.03
OP2 8MG A 2 -10.14 -12.66 5.84
O5' 8MG A 2 -9.72 -10.53 4.62
N9 8MG A 2 -6.44 -8.10 6.15
C4 8MG A 2 -5.51 -8.83 5.47
N3 8MG A 2 -5.50 -9.08 4.14
C2 8MG A 2 -4.46 -9.82 3.79
N2 8MG A 2 -4.30 -10.16 2.51
N1 8MG A 2 -3.50 -10.27 4.67
C6 8MG A 2 -3.49 -10.02 6.03
O6 8MG A 2 -2.56 -10.48 6.72
C5 8MG A 2 -4.60 -9.23 6.43
N7 8MG A 2 -4.96 -8.77 7.68
C8 8MG A 2 -6.06 -8.10 7.46
C2' 8MG A 2 -7.51 -7.11 4.11
C5' 8MG A 2 -10.49 -9.34 4.45
C4' 8MG A 2 -9.62 -8.11 4.63
O4' 8MG A 2 -8.72 -8.31 5.74
C1' 8MG A 2 -7.62 -7.44 5.59
C3' 8MG A 2 -8.70 -7.79 3.45
O3' 8MG A 2 -9.37 -6.89 2.55
C 8MG A 2 -6.87 -7.73 8.47
OP1 8MG A 2 -10.33 -10.41 7.05
H21 8MG A 2 -4.98 -9.86 1.82
H22 8MG A 2 -3.52 -10.73 2.23
H1 8MG A 2 -2.74 -10.82 4.29
H2' 8MG A 2 -6.58 -7.46 3.68
H2'' 8MG A 2 -7.54 -6.03 3.97
H5' 8MG A 2 -11.30 -9.30 5.17
H5'' 8MG A 2 -10.92 -9.32 3.44
H4' 8MG A 2 -10.28 -7.26 4.76
H1' 8MG A 2 -7.83 -6.54 6.17
H3' 8MG A 2 -8.41 -8.69 2.92
HC1 8MG A 2 -6.44 -8.07 9.41
HC2 8MG A 2 -7.85 -8.19 8.33
HC3 8MG A 2 -6.98 -6.65 8.48
P 0DC A 5 -2.75 -6.24 -7.47
OP1 0DC A 5 -2.84 -6.54 -8.92
OP2 0DC A 5 -1.88 -7.05 -6.60
O5' 0DC A 5 -2.33 -4.71 -7.31
C5' 0DC A 5 -1.11 -4.22 -7.85
C4' 0DC A 5 0.07 -4.76 -7.07
O4' 0DC A 5 -0.24 -4.68 -5.65
C3' 0DC A 5 1.37 -3.99 -7.25
O3' 0DC A 5 2.49 -4.88 -7.11
C2' 0DC A 5 1.34 -2.97 -6.12
C1' 0DC A 5 0.58 -3.70 -5.02
N1 0DC A 5 -0.31 -2.84 -4.22
C2 0DC A 5 0.05 -2.52 -2.91
O2 0DC A 5 1.10 -2.99 -2.45
N3 0DC A 5 -0.77 -1.74 -2.18
C4 0DC A 5 -1.89 -1.26 -2.71
N4 0DC A 5 -2.67 -0.48 -1.94
C5 0DC A 5 -2.28 -1.56 -4.04
C6 0DC A 5 -1.46 -2.34 -4.77
H5' 0DC A 5 -1.09 -3.13 -7.82
H5'' 0DC A 5 -1.01 -4.54 -8.89
H4' 0DC A 5 0.25 -5.77 -7.41
H3' 0DC A 5 1.41 -3.50 -8.22
H2' 0DC A 5 2.34 -2.72 -5.79
H2'' 0DC A 5 0.85 -2.05 -6.42
H1' 0DC A 5 1.26 -4.21 -4.34
H41 0DC A 5 -3.53 -0.10 -2.30
H42 0DC A 5 -2.38 -0.28 -0.99
H5 0DC A 5 -3.21 -1.16 -4.47
H6 0DC A 5 -1.72 -2.58 -5.79
P 0DG A 6 3.91 -4.48 -7.76
OP1 0DG A 6 3.65 -3.69 -8.98
OP2 0DG A 6 4.73 -5.72 -7.85
O5' 0DG A 6 4.58 -3.52 -6.67
C5' 0DG A 6 4.69 -3.91 -5.31
C4' 0DG A 6 5.62 -2.99 -4.56
O4' 0DG A 6 4.86 -2.31 -3.54
C3' 0DG A 6 6.27 -1.89 -5.40
O3' 0DG A 6 7.58 -1.61 -4.91
C2' 0DG A 6 5.34 -0.70 -5.20
C1' 0DG A 6 4.85 -0.90 -3.78
N9 0DG A 6 3.49 -0.43 -3.55
C8 0DG A 6 2.47 -0.39 -4.47
N7 0DG A 6 1.36 0.10 -3.98
C5 0DG A 6 1.68 0.41 -2.67
C6 0DG A 6 0.88 0.98 -1.63
O6 0DG A 6 -0.30 1.35 -1.68
N1 0DG A 6 1.60 1.13 -0.46
C2 0DG A 6 2.92 0.76 -0.29
N2 0DG A 6 3.44 0.97 0.92
N3 0DG A 6 3.67 0.24 -1.24
C4 0DG A 6 2.99 0.09 -2.39
H5' 0DG A 6 5.07 -4.94 -5.25
H5'' 0DG A 6 3.70 -3.89 -4.83
H4' 0DG A 6 6.43 -3.60 -4.16
H3' 0DG A 6 6.33 -2.18 -6.44
H2' 0DG A 6 5.87 0.24 -5.31
H2'' 0DG A 6 4.52 -0.71 -5.92
H1' 0DG A 6 5.51 -0.43 -3.06
H8 0DG A 6 2.56 -0.75 -5.49
H1 0DG A 6 1.12 1.52 0.33
H21 0DG A 6 2.87 1.39 1.65
H22 0DG A 6 4.41 0.73 1.10
P 8MG B 2 3.42 14.46 -6.68
OP2 8MG B 2 2.70 15.25 -5.64
O5' 8MG B 2 2.38 13.46 -7.35
N9 8MG B 2 3.50 9.39 -6.59
C4 8MG B 2 4.29 9.50 -5.47
N3 8MG B 2 3.89 9.95 -4.26
C2 8MG B 2 4.88 9.95 -3.39
N2 8MG B 2 4.66 10.36 -2.13
N1 8MG B 2 6.17 9.55 -3.67
C6 8MG B 2 6.60 9.09 -4.91
O6 8MG B 2 7.77 8.76 -5.06
C5 8MG B 2 5.54 9.08 -5.86
N7 8MG B 2 5.54 8.70 -7.20
C8 8MG B 2 4.31 8.90 -7.58
C2' 8MG B 2 1.32 9.71 -5.38
C5' 8MG B 2 1.11 13.19 -6.74
C4' 8MG B 2 0.89 11.70 -6.63
O4' 8MG B 2 1.97 10.98 -7.28
C1' 8MG B 2 2.08 9.69 -6.71
C3' 8MG B 2 0.86 11.15 -5.21
O3' 8MG B 2 -0.46 11.20 -4.68
C 8MG B 2 3.97 8.87 -8.87
OP1 8MG B 2 4.12 15.19 -7.77
H21 8MG B 2 3.74 10.67 -1.86
H22 8MG B 2 5.42 10.35 -1.46
H1 8MG B 2 6.84 9.59 -2.93
H2' 8MG B 2 1.94 9.39 -4.56
H2'' 8MG B 2 0.48 9.03 -5.45
H5' 8MG B 2 0.31 13.62 -7.35
H5'' 8MG B 2 1.08 13.63 -5.74
H4' 8MG B 2 -0.08 11.48 -7.07
H1' 8MG B 2 1.63 8.98 -7.40
H3' 8MG B 2 1.53 11.71 -4.56
HC1 8MG B 2 4.85 8.66 -9.48
HC2 8MG B 2 3.55 9.83 -9.17
HC3 8MG B 2 3.22 8.09 -9.04
P 0DC B 5 0.65 7.92 6.40
OP1 0DC B 5 0.80 9.23 7.10
OP2 0DC B 5 1.73 7.46 5.49
O5' 0DC B 5 0.44 6.79 7.50
C5' 0DC B 5 -0.33 5.62 7.22
C4' 0DC B 5 0.52 4.60 6.50
O4' 0DC B 5 0.14 4.56 5.11
C3' 0DC B 5 0.38 3.16 7.01
O3' 0DC B 5 1.56 2.77 7.72
C2' 0DC B 5 0.23 2.31 5.75
C1' 0DC B 5 0.48 3.29 4.61
N1 0DC B 5 -0.34 3.04 3.41
C2 0DC B 5 0.28 2.44 2.30
O2 0DC B 5 1.47 2.15 2.36
N3 0DC B 5 -0.46 2.21 1.19
C4 0DC B 5 -1.76 2.54 1.16
N4 0DC B 5 -2.43 2.28 0.05
C5 0DC B 5 -2.40 3.15 2.27
C6 0DC B 5 -1.67 3.37 3.37
H5' 0DC B 5 -1.18 5.88 6.57
H5'' 0DC B 5 -0.71 5.19 8.14
H4' 0DC B 5 1.56 4.89 6.65
H3' 0DC B 5 -0.48 3.06 7.67
H2' 0DC B 5 0.96 1.51 5.72
H2'' 0DC B 5 -0.76 1.87 5.70
H1' 0DC B 5 1.53 3.30 4.33
H41 0DC B 5 -3.41 2.52 -0.03
H42 0DC B 5 -1.95 1.86 -0.75
H5 0DC B 5 -3.45 3.41 2.23
H6 0DC B 5 -2.12 3.84 4.24
P 0DG B 6 1.47 1.63 8.85
OP1 0DG B 6 0.10 1.06 8.85
OP2 0DG B 6 2.03 2.20 10.09
O5' 0DG B 6 2.47 0.49 8.33
C5' 0DG B 6 3.37 0.72 7.25
C4' 0DG B 6 3.78 -0.59 6.62
O4' 0DG B 6 3.32 -0.58 5.24
C3' 0DG B 6 3.20 -1.83 7.27
O3' 0DG B 6 4.22 -2.84 7.43
C2' 0DG B 6 2.11 -2.28 6.33
C1' 0DG B 6 2.53 -1.72 4.98
N9 0DG B 6 1.43 -1.31 4.11
C8 0DG B 6 0.30 -0.62 4.47
N7 0DG B 6 -0.51 -0.39 3.47
C5 0DG B 6 0.13 -0.97 2.38
C6 0DG B 6 -0.26 -1.05 1.02
O6 0DG B 6 -1.29 -0.62 0.49
N1 0DG B 6 0.69 -1.73 0.26
C2 0DG B 6 1.86 -2.26 0.74
N2 0DG B 6 2.63 -2.87 -0.16
N3 0DG B 6 2.23 -2.19 2.00
C4 0DG B 6 1.33 -1.54 2.76
H5' 0DG B 6 4.26 1.25 7.62
H5'' 0DG B 6 2.88 1.35 6.49
H4' 0DG B 6 4.86 -0.66 6.70
H3' 0DG B 6 2.80 -1.61 8.25
H2' 0DG B 6 2.04 -3.37 6.27
H2'' 0DG B 6 1.13 -1.91 6.63
H1' 0DG B 6 3.14 -2.45 4.43
H8 0DG B 6 0.10 -0.30 5.48
H1 0DG B 6 0.48 -1.84 -0.72
H21 0DG B 6 3.52 -3.27 0.14
H22 0DG B 6 2.35 -2.91 -1.13
P 8MG A 2 -10.02 -11.23 4.14
OP2 8MG A 2 -10.17 -10.69 2.77
O5' 8MG A 2 -10.38 -10.08 5.19
N9 8MG A 2 -6.63 -7.98 6.15
C4 8MG A 2 -5.74 -8.77 5.44
N3 8MG A 2 -5.80 -9.04 4.12
C2 8MG A 2 -4.80 -9.82 3.73
N2 8MG A 2 -4.72 -10.19 2.45
N1 8MG A 2 -3.83 -10.30 4.57
C6 8MG A 2 -3.76 -10.03 5.93
O6 8MG A 2 -2.84 -10.52 6.60
C5 8MG A 2 -4.82 -9.20 6.36
N7 8MG A 2 -5.12 -8.70 7.63
C8 8MG A 2 -6.20 -8.00 7.45
C2' 8MG A 2 -7.76 -7.00 4.13
C5' 8MG A 2 -10.95 -8.84 4.76
C4' 8MG A 2 -9.92 -7.72 4.88
O4' 8MG A 2 -8.93 -8.08 5.86
C1' 8MG A 2 -7.79 -7.27 5.62
C3' 8MG A 2 -9.12 -7.44 3.61
O3' 8MG A 2 -9.73 -6.39 2.85
C 8MG A 2 -6.99 -7.66 8.47
OP1 8MG A 2 -10.77 -12.46 4.53
H21 8MG A 2 -5.42 -9.87 1.79
H22 8MG A 2 -3.98 -10.80 2.15
H1 8MG A 2 -3.11 -10.88 4.18
H2' 8MG A 2 -6.95 -7.54 3.63
H2'' 8MG A 2 -7.60 -5.94 3.97
H5' 8MG A 2 -11.80 -8.59 5.37
H5'' 8MG A 2 -11.26 -8.92 3.72
H4' 8MG A 2 -10.46 -6.81 5.11
H1' 8MG A 2 -7.91 -6.34 6.18
H3' 8MG A 2 -9.04 -8.33 2.98
HC1 8MG A 2 -7.96 -8.16 8.36
HC2 8MG A 2 -7.14 -6.59 8.49
HC3 8MG A 2 -6.54 -7.98 9.40
P 0DC A 5 -1.87 -5.89 -7.15
OP1 0DC A 5 -1.88 -6.69 -8.41
OP2 0DC A 5 -1.21 -6.45 -5.95
O5' 0DC A 5 -1.21 -4.48 -7.47
C5' 0DC A 5 0.17 -4.37 -7.81
C4' 0DC A 5 1.00 -4.10 -6.57
O4' 0DC A 5 0.12 -3.88 -5.45
C3' 0DC A 5 1.87 -2.84 -6.64
O3' 0DC A 5 3.23 -3.20 -6.96
C2' 0DC A 5 1.79 -2.25 -5.23
C1' 0DC A 5 0.83 -3.14 -4.47
N1 0DC A 5 -0.15 -2.44 -3.63
C2 0DC A 5 0.09 -2.32 -2.26
O2 0DC A 5 1.11 -2.83 -1.79
N3 0DC A 5 -0.80 -1.67 -1.49
C4 0DC A 5 -1.91 -1.15 -2.03
N4 0DC A 5 -2.76 -0.51 -1.22
C5 0DC A 5 -2.17 -1.24 -3.43
C6 0DC A 5 -1.28 -1.89 -4.19
H5' 0DC A 5 0.31 -3.54 -8.52
H5'' 0DC A 5 0.51 -5.29 -8.27
H4' 0DC A 5 1.68 -4.94 -6.44
H3' 0DC A 5 1.50 -2.14 -7.40
H2' 0DC A 5 2.77 -2.27 -4.74
H2'' 0DC A 5 1.46 -1.22 -5.26
H1' 0DC A 5 1.37 -3.86 -3.85
H41 0DC A 5 -3.59 -0.10 -1.59
H42 0DC A 5 -2.56 -0.46 -0.23
H5 0DC A 5 -3.07 -0.80 -3.86
H6 0DC A 5 -1.45 -1.97 -5.26
P 0DG A 6 4.20 -2.12 -7.65
OP1 0DG A 6 3.51 -0.80 -7.63
OP2 0DG A 6 4.67 -2.68 -8.94
O5' 0DG A 6 5.45 -2.02 -6.66
C5' 0DG A 6 5.58 -2.91 -5.55
C4' 0DG A 6 6.64 -2.41 -4.59
O4' 0DG A 6 6.01 -2.04 -3.35
C3' 0DG A 6 7.40 -1.16 -5.04
O3' 0DG A 6 8.70 -1.12 -4.47
C2' 0DG A 6 6.54 -0.03 -4.50
C1' 0DG A 6 5.96 -0.62 -3.22
N9 0DG A 6 4.58 -0.24 -2.97
C8 0DG A 6 3.57 -0.15 -3.89
N7 0DG A 6 2.42 0.22 -3.38
C5 0DG A 6 2.70 0.38 -2.03
C6 0DG A 6 1.85 0.76 -0.96
O6 0DG A 6 0.65 1.05 -1.00
N1 0DG A 6 2.53 0.80 0.25
C2 0DG A 6 3.87 0.51 0.41
N2 0DG A 6 4.35 0.61 1.65
N3 0DG A 6 4.67 0.14 -0.58
C4 0DG A 6 4.03 0.10 -1.75
H5' 0DG A 6 5.86 -3.90 -5.90
H5'' 0DG A 6 4.63 -2.97 -5.01
H4' 0DG A 6 7.39 -3.19 -4.48
H3' 0DG A 6 7.48 -1.12 -6.14
H2' 0DG A 6 7.14 0.85 -4.29
H2'' 0DG A 6 5.77 0.27 -5.21
H1' 0DG A 6 6.56 -0.35 -2.35
H8 0DG A 6 3.70 -0.36 -4.95
H1 0DG A 6 2.02 1.07 1.07
H21 0DG A 6 3.73 0.88 2.41
H22 0DG A 6 5.32 0.40 1.84
P 8MG B 2 2.18 13.75 -6.03
OP2 8MG B 2 1.24 13.62 -4.88
O5' 8MG B 2 1.60 12.91 -7.25
N9 8MG B 2 3.35 8.91 -6.88
C4 8MG B 2 4.19 9.11 -5.81
N3 8MG B 2 3.82 9.51 -4.57
C2 8MG B 2 4.87 9.61 -3.76
N2 8MG B 2 4.68 10.00 -2.49
N1 8MG B 2 6.16 9.33 -4.12
C6 8MG B 2 6.55 8.91 -5.40
O6 8MG B 2 7.75 8.69 -5.62
C5 8MG B 2 5.45 8.81 -6.28
N7 8MG B 2 5.41 8.43 -7.61
C8 8MG B 2 4.13 8.51 -7.92
C2' 8MG B 2 1.24 9.10 -5.54
C5' 8MG B 2 0.29 12.32 -7.19
C4' 8MG B 2 0.40 10.83 -6.95
O4' 8MG B 2 1.61 10.32 -7.52
C1' 8MG B 2 1.89 9.07 -6.91
C3' 8MG B 2 0.48 10.41 -5.48
O3' 8MG B 2 -0.84 10.21 -4.95
C 8MG B 2 3.73 8.51 -9.20
OP1 8MG B 2 2.55 15.09 -6.52
H21 8MG B 2 3.75 10.22 -2.17
H22 8MG B 2 5.46 10.08 -1.87
H1 8MG B 2 6.87 9.43 -3.43
H2' 8MG B 2 1.96 9.02 -4.73
H2'' 8MG B 2 0.57 8.24 -5.47
H5' 8MG B 2 -0.22 12.49 -8.14
H5'' 8MG B 2 -0.29 12.78 -6.39
H4' 8MG B 2 -0.51 10.37 -7.36
H1' 8MG B 2 1.47 8.28 -7.53
H3' 8MG B 2 1.00 11.16 -4.89
HC1 8MG B 2 3.00 7.73 -9.34
HC2 8MG B 2 4.59 8.34 -9.85
HC3 8MG B 2 3.29 9.47 -9.43
P 0DC B 5 -2.49 5.83 6.64
OP1 0DC B 5 -3.07 4.60 6.01
OP2 0DC B 5 -3.17 6.42 7.82
O5' 0DC B 5 -0.98 5.53 7.03
C5' 0DC B 5 -0.63 4.38 7.80
C4' 0DC B 5 0.71 3.84 7.37
O4' 0DC B 5 0.78 3.88 5.91
C3' 0DC B 5 0.98 2.38 7.76
O3' 0DC B 5 2.36 2.23 8.13
C2' 0DC B 5 0.68 1.61 6.48
C1' 0DC B 5 1.09 2.59 5.41
N1 0DC B 5 0.37 2.43 4.13
C2 0DC B 5 1.07 1.92 3.03
O2 0DC B 5 2.26 1.62 3.16
N3 0DC B 5 0.42 1.78 1.85
C4 0DC B 5 -0.86 2.12 1.75
N4 0DC B 5 -1.45 1.95 0.56
C5 0DC B 5 -1.59 2.63 2.85
C6 0DC B 5 -0.95 2.77 4.00
H5' 0DC B 5 -1.39 3.60 7.66
H5'' 0DC B 5 -0.59 4.63 8.85
H4' 0DC B 5 1.48 4.44 7.84
H3' 0DC B 5 0.35 2.08 8.58
H2' 0DC B 5 1.26 0.69 6.44
H2'' 0DC B 5 -0.38 1.34 6.43
H1' 0DC B 5 2.16 2.54 5.21
H41 0DC B 5 -2.42 2.20 0.44
H42 0DC B 5 -0.92 1.60 -0.22
H5 0DC B 5 -2.65 2.89 2.75
H6 0DC B 5 -1.48 3.17 4.87
P 0DG B 6 2.74 1.89 9.66
OP1 0DG B 6 1.54 2.10 10.51
OP2 0DG B 6 3.99 2.63 9.95
O5' 0DG B 6 3.08 0.34 9.65
C5' 0DG B 6 2.29 -0.59 8.88
C4' 0DG B 6 3.15 -1.23 7.82
O4' 0DG B 6 2.64 -0.83 6.52
C3' 0DG B 6 3.15 -2.76 7.81
O3' 0DG B 6 4.43 -3.24 7.39
C2' 0DG B 6 2.09 -3.09 6.78
C1' 0DG B 6 2.29 -1.98 5.77
N9 0DG B 6 1.12 -1.65 4.96
C8 0DG B 6 -0.10 -1.19 5.40
N7 0DG B 6 -0.95 -0.97 4.43
C5 0DG B 6 -0.24 -1.30 3.28
C6 0DG B 6 -0.63 -1.27 1.93
O6 0DG B 6 -1.72 -0.93 1.44
N1 0DG B 6 0.39 -1.70 1.08
C2 0DG B 6 1.64 -2.11 1.51
N2 0DG B 6 2.49 -2.48 0.55
N3 0DG B 6 2.01 -2.14 2.77
C4 0DG B 6 1.03 -1.73 3.59
H5' 0DG B 6 1.47 -0.06 8.42
H5'' 0DG B 6 1.91 -1.37 9.54
H4' 0DG B 6 4.18 -0.91 7.98
H3' 0DG B 6 2.91 -3.16 8.79
H2' 0DG B 6 2.24 -4.08 6.35
H2'' 0DG B 6 1.09 -3.07 7.22
H1' 0DG B 6 3.12 -2.21 5.10
H8 0DG B 6 -0.34 -1.04 6.45
H1 0DG B 6 0.21 -1.71 0.09
H21 0DG B 6 3.42 -2.79 0.81
H22 0DG B 6 2.21 -2.47 -0.42
P 8MG A 2 -9.80 -10.82 3.35
OP2 8MG A 2 -9.31 -10.76 1.95
O5' 8MG A 2 -10.56 -9.45 3.67
N9 8MG A 2 -6.35 -8.00 6.38
C4 8MG A 2 -5.47 -8.82 5.71
N3 8MG A 2 -5.47 -9.06 4.38
C2 8MG A 2 -4.51 -9.89 4.03
N2 8MG A 2 -4.36 -10.24 2.76
N1 8MG A 2 -3.63 -10.47 4.93
C6 8MG A 2 -3.62 -10.24 6.30
O6 8MG A 2 -2.78 -10.80 7.00
C5 8MG A 2 -4.64 -9.33 6.69
N7 8MG A 2 -4.98 -8.85 7.94
C8 8MG A 2 -5.99 -8.05 7.71
C2' 8MG A 2 -7.39 -7.02 4.32
C5' 8MG A 2 -10.55 -8.87 4.97
C4' 8MG A 2 -9.58 -7.71 5.03
O4' 8MG A 2 -8.65 -7.92 6.11
C1' 8MG A 2 -7.46 -7.23 5.83
C3' 8MG A 2 -8.72 -7.50 3.78
O3' 8MG A 2 -9.31 -6.52 2.93
C 8MG A 2 -6.79 -7.64 8.70
OP1 8MG A 2 -10.68 -11.93 3.78
H21 8MG A 2 -4.98 -9.85 2.06
H22 8MG A 2 -3.63 -10.89 2.48
H1 8MG A 2 -2.94 -11.10 4.56
H2' 8MG A 2 -6.56 -7.57 3.87
H2'' 8MG A 2 -7.23 -5.96 4.13
H5' 8MG A 2 -10.23 -9.62 5.70
H5'' 8MG A 2 -11.54 -8.52 5.24
H4' 8MG A 2 -10.17 -6.80 5.14
H1' 8MG A 2 -7.49 -6.27 6.33
H3' 8MG A 2 -8.62 -8.44 3.22
HC1 8MG A 2 -7.80 -8.02 8.54
HC2 8MG A 2 -6.81 -6.55 8.71
HC3 8MG A 2 -6.41 -8.01 9.65
P 0DC A 5 -2.21 -6.22 -7.76
OP1 0DC A 5 -2.07 -5.58 -9.10
OP2 0DC A 5 -2.49 -7.67 -7.68
O5' 0DC A 5 -0.88 -5.92 -6.93
C5' 0DC A 5 0.11 -5.03 -7.42
C4' 0DC A 5 1.29 -5.00 -6.48
O4' 0DC A 5 0.81 -4.75 -5.14
C3' 0DC A 5 2.33 -3.91 -6.78
O3' 0DC A 5 3.65 -4.40 -6.52
C2' 0DC A 5 1.97 -2.81 -5.79
C1' 0DC A 5 1.42 -3.59 -4.61
N1 0DC A 5 0.41 -2.87 -3.82
C2 0DC A 5 0.61 -2.72 -2.45
O2 0DC A 5 1.62 -3.20 -1.93
N3 0DC A 5 -0.31 -2.06 -1.71
C4 0DC A 5 -1.40 -1.55 -2.30
N4 0DC A 5 -2.27 -0.90 -1.53
C5 0DC A 5 -1.63 -1.69 -3.69
C6 0DC A 5 -0.72 -2.35 -4.41
H5' 0DC A 5 -0.31 -4.02 -7.51
H5'' 0DC A 5 0.45 -5.35 -8.40
H4' 0DC A 5 1.81 -5.95 -6.58
H3' 0DC A 5 2.26 -3.56 -7.81
H2' 0DC A 5 2.85 -2.23 -5.50
H2'' 0DC A 5 1.23 -2.12 -6.21
H1' 0DC A 5 2.22 -3.90 -3.95
H41 0DC A 5 -3.11 -0.51 -1.93
H42 0DC A 5 -2.09 -0.82 -0.54
H5 0DC A 5 -2.52 -1.27 -4.16
H6 0DC A 5 -0.87 -2.48 -5.48
P 0DG A 6 4.68 -4.62 -7.75
OP1 0DG A 6 3.95 -4.36 -9.01
OP2 0DG A 6 5.35 -5.93 -7.54
O5' 0DG A 6 5.77 -3.48 -7.56
C5' 0DG A 6 5.42 -2.20 -7.00
C4' 0DG A 6 6.36 -1.85 -5.88
O4' 0DG A 6 5.60 -1.72 -4.66
C3' 0DG A 6 7.08 -0.52 -6.05
O3' 0DG A 6 8.37 -0.56 -5.41
C2' 0DG A 6 6.17 0.47 -5.34
C1' 0DG A 6 5.55 -0.38 -4.23
N9 0DG A 6 4.17 -0.04 -3.95
C8 0DG A 6 3.13 0.03 -4.85
N7 0DG A 6 1.99 0.36 -4.31
C5 0DG A 6 2.28 0.50 -2.96
C6 0DG A 6 1.45 0.84 -1.87
O6 0DG A 6 0.23 1.10 -1.88
N1 0DG A 6 2.16 0.88 -0.67
C2 0DG A 6 3.49 0.62 -0.55
N2 0DG A 6 4.00 0.70 0.69
N3 0DG A 6 4.28 0.30 -1.55
C4 0DG A 6 3.62 0.25 -2.72
H5' 0DG A 6 4.40 -2.24 -6.62
H5'' 0DG A 6 5.48 -1.44 -7.78
H4' 0DG A 6 7.12 -2.62 -5.84
H3' 0DG A 6 7.21 -0.27 -7.10
H2' 0DG A 6 6.73 1.31 -4.92
H2'' 0DG A 6 5.42 0.87 -6.01
H1' 0DG A 6 6.13 -0.28 -3.30
H8 0DG A 6 3.26 -0.16 -5.91
H1 0DG A 6 1.64 1.11 0.17
H21 0DG A 6 3.39 0.95 1.47
H22 0DG A 6 4.98 0.52 0.85
P 8MG B 2 2.56 14.26 -7.02
OP2 8MG B 2 3.17 15.59 -7.29
O5' 8MG B 2 1.74 14.39 -5.66
N9 8MG B 2 2.71 9.76 -6.01
C4 8MG B 2 3.70 9.70 -5.06
N3 8MG B 2 3.57 10.05 -3.76
C2 8MG B 2 4.69 9.88 -3.09
N2 8MG B 2 4.72 10.16 -1.79
N1 8MG B 2 5.86 9.43 -3.65
C6 8MG B 2 6.02 9.08 -4.98
O6 8MG B 2 7.13 8.68 -5.38
C5 8MG B 2 4.82 9.24 -5.71
N7 8MG B 2 4.55 9.00 -7.06
C8 8MG B 2 3.28 9.32 -7.18
C2' 8MG B 2 0.77 9.92 -4.44
C5' 8MG B 2 1.92 13.45 -4.59
C4' 8MG B 2 0.98 12.28 -4.77
O4' 8MG B 2 1.29 11.59 -6.02
C1' 8MG B 2 1.34 10.19 -5.82
C3' 8MG B 2 1.11 11.20 -3.69
O3' 8MG B 2 0.20 11.49 -2.61
C 8MG B 2 2.70 9.42 -8.39
OP1 8MG B 2 1.68 13.64 -8.04
H21 8MG B 2 3.88 10.49 -1.33
H22 8MG B 2 5.57 10.05 -1.26
H1 8MG B 2 6.66 9.34 -3.05
H2' 8MG B 2 1.22 9.06 -3.97
H2'' 8MG B 2 -0.30 9.76 -4.50
H5' 8MG B 2 1.71 13.93 -3.64
H5'' 8MG B 2 2.94 13.08 -4.60
H4' 8MG B 2 -0.04 12.66 -4.73
H1' 8MG B 2 0.72 9.73 -6.59
H3' 8MG B 2 2.11 11.17 -3.29
HC1 8MG B 2 2.33 10.43 -8.53
HC2 8MG B 2 1.87 8.72 -8.44
HC3 8MG B 2 3.43 9.18 -9.16
P 0DC B 5 0.70 7.17 5.79
OP1 0DC B 5 0.69 8.59 6.23
OP2 0DC B 5 1.65 6.74 4.74
O5' 0DC B 5 0.92 6.25 7.05
C5' 0DC B 5 0.21 5.01 7.20
C4' 0DC B 5 1.02 3.88 6.63
O4' 0DC B 5 0.74 3.77 5.22
C3' 0DC B 5 0.71 2.50 7.21
O3' 0DC B 5 1.80 2.07 8.06
C2' 0DC B 5 0.59 1.57 6.01
C1' 0DC B 5 0.98 2.44 4.82
N1 0DC B 5 0.23 2.19 3.58
C2 0DC B 5 0.91 1.75 2.45
O2 0DC B 5 2.13 1.57 2.52
N3 0DC B 5 0.23 1.54 1.30
C4 0DC B 5 -1.09 1.75 1.27
N4 0DC B 5 -1.72 1.54 0.11
C5 0DC B 5 -1.82 2.19 2.41
C6 0DC B 5 -1.13 2.38 3.54
H5' 0DC B 5 -0.74 5.07 6.68
H5'' 0DC B 5 0.02 4.82 8.26
H4' 0DC B 5 2.07 4.07 6.84
H3' 0DC B 5 -0.20 2.52 7.80
H2' 0DC B 5 1.26 0.73 6.08
H2'' 0DC B 5 -0.43 1.18 5.91
H1' 0DC B 5 2.05 2.34 4.60
H41 0DC B 5 -2.72 1.68 0.03
H42 0DC B 5 -1.20 1.23 -0.70
H5 0DC B 5 -2.90 2.36 2.36
H6 0DC B 5 -1.66 2.71 4.44
P 0DG B 6 1.57 0.91 9.14
OP1 0DG B 6 0.21 0.33 8.92
OP2 0DG B 6 1.92 1.47 10.46
O5' 0DG B 6 2.65 -0.20 8.77
C5' 0DG B 6 3.57 0.01 7.69
C4' 0DG B 6 4.00 -1.32 7.11
O4' 0DG B 6 3.54 -1.39 5.74
C3' 0DG B 6 3.42 -2.56 7.79
O3' 0DG B 6 4.37 -3.65 7.72
C2' 0DG B 6 2.19 -2.87 6.97
C1' 0DG B 6 2.65 -2.49 5.58
N9 0DG B 6 1.59 -2.07 4.67
C8 0DG B 6 0.46 -1.36 4.99
N7 0DG B 6 -0.31 -1.13 3.96
C5 0DG B 6 0.35 -1.73 2.90
C6 0DG B 6 0.00 -1.82 1.52
O6 0DG B 6 -1.00 -1.35 0.95
N1 0DG B 6 0.95 -2.51 0.80
C2 0DG B 6 2.09 -3.07 1.32
N2 0DG B 6 2.89 -3.71 0.46
N3 0DG B 6 2.43 -3.00 2.59
C4 0DG B 6 1.52 -2.32 3.32
H5' 0DG B 6 4.45 0.53 8.07
H5'' 0DG B 6 3.11 0.60 6.91
H4' 0DG B 6 5.09 -1.39 7.20
H3' 0DG B 6 3.18 -2.37 8.84
H2' 0DG B 6 1.91 -3.91 7.05
H2'' 0DG B 6 1.34 -2.27 7.30
H1' 0DG B 6 3.20 -3.31 5.11
H8 0DG B 6 0.23 -1.04 5.99
H1 0DG B 6 0.79 -2.63 -0.20
H21 0DG B 6 3.74 -4.13 0.78
H22 0DG B 6 2.63 -3.76 -0.52
P 8MG A 2 -9.59 -12.44 5.04
OP2 8MG A 2 -10.15 -12.98 3.78
O5' 8MG A 2 -9.88 -10.87 5.07
N9 8MG A 2 -6.70 -7.98 5.45
C4 8MG A 2 -5.73 -8.74 4.87
N3 8MG A 2 -5.74 -9.25 3.62
C2 8MG A 2 -4.65 -9.95 3.35
N2 8MG A 2 -4.50 -10.52 2.15
N1 8MG A 2 -3.62 -10.14 4.24
C6 8MG A 2 -3.58 -9.62 5.53
O6 8MG A 2 -2.60 -9.85 6.25
C5 8MG A 2 -4.75 -8.87 5.84
N7 8MG A 2 -5.11 -8.20 6.99
C8 8MG A 2 -6.28 -7.69 6.72
C2' 8MG A 2 -7.89 -7.35 3.32
C5' 8MG A 2 -10.30 -10.16 3.91
C4' 8MG A 2 -9.73 -8.76 3.91
O4' 8MG A 2 -8.94 -8.56 5.09
C1' 8MG A 2 -7.97 -7.55 4.83
C3' 8MG A 2 -8.81 -8.43 2.75
O3' 8MG A 2 -9.57 -7.92 1.65
C 8MG A 2 -7.08 -7.22 7.68
OP1 8MG A 2 -10.01 -13.02 6.34
H21 8MG A 2 -5.23 -10.41 1.46
H22 8MG A 2 -3.67 -11.06 1.95
H1 8MG A 2 -2.82 -10.68 3.93
H2' 8MG A 2 -6.89 -7.46 2.94
H2'' 8MG A 2 -8.26 -6.36 3.07
H5' 8MG A 2 -11.38 -10.12 3.88
H5'' 8MG A 2 -9.93 -10.69 3.02
H4' 8MG A 2 -10.59 -8.07 3.84
H1' 8MG A 2 -8.29 -6.63 5.32
H3' 8MG A 2 -8.25 -9.30 2.43
HC1 8MG A 2 -7.32 -6.17 7.48
HC2 8MG A 2 -6.56 -7.28 8.64
HC3 8MG A 2 -7.99 -7.81 7.72
P 0DC A 5 -3.56 -4.86 -8.72
OP1 0DC A 5 -4.24 -5.10 -10.01
OP2 0DC A 5 -2.61 -5.88 -8.19
O5' 0DC A 5 -2.79 -3.47 -8.82
C5' 0DC A 5 -2.35 -2.76 -7.65
C4' 0DC A 5 -1.16 -3.46 -7.04
O4' 0DC A 5 -1.39 -3.61 -5.61
C3' 0DC A 5 0.17 -2.74 -7.18
O3' 0DC A 5 1.24 -3.68 -7.31
C2' 0DC A 5 0.29 -1.96 -5.88
C1' 0DC A 5 -0.46 -2.82 -4.88
N1 0DC A 5 -1.23 -2.05 -3.88
C2 0DC A 5 -0.79 -2.00 -2.56
O2 0DC A 5 0.25 -2.62 -2.26
N3 0DC A 5 -1.48 -1.30 -1.64
C4 0DC A 5 -2.59 -0.65 -2.01
N4 0DC A 5 -3.25 0.03 -1.07
C5 0DC A 5 -3.06 -0.66 -3.36
C6 0DC A 5 -2.36 -1.36 -4.25
H5' 0DC A 5 -3.15 -2.73 -6.93
H5'' 0DC A 5 -2.06 -1.75 -7.93
H4' 0DC A 5 -1.04 -4.43 -7.54
H3' 0DC A 5 0.17 -2.07 -8.04
H2' 0DC A 5 1.33 -1.86 -5.58
H2'' 0DC A 5 -0.13 -0.96 -5.97
H1' 0DC A 5 0.21 -3.50 -4.34
H41 0DC A 5 -4.09 0.55 -1.31
H42 0DC A 5 -2.90 0.05 -0.13
H5 0DC A 5 -3.97 -0.13 -3.64
H6 0DC A 5 -2.69 -1.39 -5.29
P 0DG A 6 2.67 -3.20 -7.86
OP1 0DG A 6 2.44 -2.05 -8.78
OP2 0DG A 6 3.41 -4.39 -8.35
O5' 0DG A 6 3.42 -2.65 -6.57
C5' 0DG A 6 3.47 -3.41 -5.36
C4' 0DG A 6 4.54 -2.88 -4.44
O4' 0DG A 6 3.91 -2.33 -3.26
C3' 0DG A 6 5.39 -1.75 -5.01
O3' 0DG A 6 6.71 -1.77 -4.45
C2' 0DG A 6 4.65 -0.51 -4.56
C1' 0DG A 6 4.11 -0.93 -3.20
N9 0DG A 6 2.83 -0.31 -2.86
C8 0DG A 6 1.80 -0.04 -3.71
N7 0DG A 6 0.78 0.52 -3.12
C5 0DG A 6 1.17 0.62 -1.79
C6 0DG A 6 0.50 1.15 -0.66
O6 0DG A 6 -0.63 1.64 -0.61
N1 0DG A 6 1.28 1.05 0.49
C2 0DG A 6 2.53 0.52 0.55
N2 0DG A 6 3.12 0.52 1.75
N3 0DG A 6 3.18 0.03 -0.49
C4 0DG A 6 2.45 0.11 -1.62
H5' 0DG A 6 3.69 -4.45 -5.59
H5'' 0DG A 6 2.51 -3.35 -4.85
H4' 0DG A 6 5.23 -3.70 -4.22
H3' 0DG A 6 5.46 -1.80 -6.10
H2' 0DG A 6 5.32 0.35 -4.48
H2'' 0DG A 6 3.86 -0.24 -5.26
H1' 0DG A 6 4.83 -0.72 -2.41
H8 0DG A 6 1.83 -0.26 -4.77
H1 0DG A 6 0.88 1.41 1.35
H21 0DG A 6 2.64 0.90 2.55
H22 0DG A 6 4.06 0.12 1.85
P 8MG B 2 3.16 14.12 -6.12
OP2 8MG B 2 2.09 14.17 -5.09
O5' 8MG B 2 2.65 13.25 -7.35
N9 8MG B 2 3.92 9.09 -6.94
C4 8MG B 2 4.65 9.17 -5.78
N3 8MG B 2 4.20 9.58 -4.58
C2 8MG B 2 5.15 9.54 -3.65
N2 8MG B 2 4.87 9.91 -2.40
N1 8MG B 2 6.44 9.13 -3.89
C6 8MG B 2 6.93 8.70 -5.12
O6 8MG B 2 8.10 8.35 -5.22
C5 8MG B 2 5.92 8.74 -6.12
N7 8MG B 2 5.98 8.41 -7.47
C8 8MG B 2 4.77 8.63 -7.90
C2' 8MG B 2 1.71 9.49 -5.82
C5' 8MG B 2 1.28 12.82 -7.44
C4' 8MG B 2 1.20 11.31 -7.28
O4' 8MG B 2 2.43 10.71 -7.70
C1' 8MG B 2 2.51 9.42 -7.11
C3' 8MG B 2 0.98 10.82 -5.86
O3' 8MG B 2 -0.42 10.63 -5.60
C 8MG B 2 4.51 8.74 -9.21
OP1 8MG B 2 3.71 15.40 -6.67
H21 8MG B 2 3.94 10.23 -2.17
H22 8MG B 2 5.59 9.89 -1.69
H1 8MG B 2 7.09 9.13 -3.12
H2' 8MG B 2 2.34 9.40 -4.94
H2'' 8MG B 2 1.01 8.65 -5.81
H5' 8MG B 2 0.87 13.09 -8.41
H5'' 8MG B 2 0.69 13.29 -6.66
H4' 8MG B 2 0.34 10.98 -7.87
H1' 8MG B 2 2.07 8.71 -7.81
H3' 8MG B 2 1.39 11.52 -5.13
HC1 8MG B 2 3.81 7.95 -9.50
HC2 8MG B 2 5.43 8.62 -9.78
HC3 8MG B 2 4.08 9.71 -9.43
P 0DC B 5 -0.80 7.34 7.20
OP1 0DC B 5 -1.30 7.89 8.49
OP2 0DC B 5 0.65 7.36 6.93
O5' 0DC B 5 -1.32 5.84 7.07
C5' 0DC B 5 -0.94 4.84 8.01
C4' 0DC B 5 0.46 4.36 7.73
O4' 0DC B 5 0.70 4.41 6.31
C3' 0DC B 5 0.76 2.92 8.14
O3' 0DC B 5 2.14 2.77 8.47
C2' 0DC B 5 0.41 2.14 6.88
C1' 0DC B 5 0.79 3.10 5.77
N1 0DC B 5 -0.08 3.04 4.58
C2 0DC B 5 0.39 2.40 3.44
O2 0DC B 5 1.54 1.91 3.45
N3 0DC B 5 -0.39 2.34 2.34
C4 0DC B 5 -1.61 2.87 2.37
N4 0DC B 5 -2.35 2.79 1.26
C5 0DC B 5 -2.12 3.52 3.52
C6 0DC B 5 -1.33 3.58 4.60
H5' 0DC B 5 -1.62 3.99 7.94
H5'' 0DC B 5 -0.98 5.24 9.03
H4' 0DC B 5 1.15 5.00 8.30
H3' 0DC B 5 0.14 2.61 8.99
H2' 0DC B 5 0.98 1.22 6.83
H2'' 0DC B 5 -0.64 1.87 6.85
H1' 0DC B 5 1.83 2.94 5.44
H41 0DC B 5 -3.28 3.18 1.23
H42 0DC B 5 -1.98 2.32 0.43
H5 0DC B 5 -3.12 3.95 3.53
H6 0DC B 5 -1.69 4.07 5.50
P 0DG B 6 2.61 1.58 9.45
OP1 0DG B 6 1.51 1.28 10.40
OP2 0DG B 6 3.95 1.95 9.97
O5' 0DG B 6 2.80 0.33 8.48
C5' 0DG B 6 3.58 0.44 7.29
C4' 0DG B 6 3.78 -0.91 6.66
O4' 0DG B 6 3.13 -0.92 5.37
C3' 0DG B 6 3.20 -2.10 7.43
O3' 0DG B 6 4.03 -3.25 7.24
C2' 0DG B 6 1.83 -2.28 6.79
C1' 0DG B 6 2.11 -1.91 5.34
N9 0DG B 6 0.96 -1.36 4.63
C8 0DG B 6 -0.07 -0.61 5.16
N7 0DG B 6 -0.96 -0.26 4.28
C5 0DG B 6 -0.50 -0.82 3.09
C6 0DG B 6 -1.04 -0.78 1.78
O6 0DG B 6 -2.08 -0.23 1.41
N1 0DG B 6 -0.25 -1.45 0.87
C2 0DG B 6 0.93 -2.09 1.17
N2 0DG B 6 1.56 -2.68 0.16
N3 0DG B 6 1.46 -2.13 2.39
C4 0DG B 6 0.69 -1.48 3.29
H5' 0DG B 6 4.55 0.88 7.52
H5'' 0DG B 6 3.06 1.09 6.57
H4' 0DG B 6 4.86 -1.09 6.59
H3' 0DG B 6 3.12 -1.87 8.49
H2' 0DG B 6 1.49 -3.31 6.88
H2'' 0DG B 6 1.09 -1.63 7.25
H1' 0DG B 6 2.48 -2.76 4.78
H8 0DG B 6 -0.13 -0.35 6.21
H1 0DG B 6 -0.56 -1.47 -0.09
H21 0DG B 6 2.44 -3.16 0.32
H22 0DG B 6 1.17 -2.65 -0.78
#